data_1WZO
#
_entry.id   1WZO
#
_cell.length_a   126.353
_cell.length_b   149.415
_cell.length_c   65.617
_cell.angle_alpha   90.00
_cell.angle_beta   90.00
_cell.angle_gamma   90.00
#
_symmetry.space_group_name_H-M   'P 21 21 2'
#
loop_
_entity.id
_entity.type
_entity.pdbx_description
1 polymer HpcE
2 non-polymer 'SODIUM ION'
3 non-polymer GLYCEROL
4 non-polymer 'SULFATE ION'
5 water water
#
_entity_poly.entity_id   1
_entity_poly.type   'polypeptide(L)'
_entity_poly.pdbx_seq_one_letter_code
;MKLARFLAKGRVHQGVYREGLLLDEAGEAHRPEDVTWLLPFTPGKILGVALNYADHAEELGLSRPEEPALFWKPNTSLLP
HKGVVLYPKGARFVHYEVELAVVVGRPMKRVRAKDALDYVLGYTIANDLVARDYVTNTFRPPIRAKGRDTFLPLGPFLVV
EEVEDPQDLWLRAYVNGELRQEGHTSRMLYSVAELLEFISEFMTLEPYDVLLTGTPKGISQVRPGDVMRLEIEGLGALEN
PIEEEP
;
_entity_poly.pdbx_strand_id   A,B,C,D
#
loop_
_chem_comp.id
_chem_comp.type
_chem_comp.name
_chem_comp.formula
GOL non-polymer GLYCEROL 'C3 H8 O3'
NA non-polymer 'SODIUM ION' 'Na 1'
SO4 non-polymer 'SULFATE ION' 'O4 S -2'
#
# COMPACT_ATOMS: atom_id res chain seq x y z
N MET A 1 6.04 21.76 -12.18
CA MET A 1 6.67 21.88 -10.83
C MET A 1 7.51 20.67 -10.48
N LYS A 2 8.51 20.88 -9.64
CA LYS A 2 9.42 19.82 -9.19
C LYS A 2 9.00 19.29 -7.85
N LEU A 3 8.23 18.19 -7.86
CA LEU A 3 7.76 17.57 -6.63
C LEU A 3 8.89 16.78 -5.98
N ALA A 4 8.90 16.76 -4.66
CA ALA A 4 9.93 16.06 -3.91
C ALA A 4 9.36 15.58 -2.59
N ARG A 5 10.02 14.57 -2.02
CA ARG A 5 9.63 14.01 -0.73
C ARG A 5 10.90 14.04 0.12
N PHE A 6 10.75 14.41 1.39
CA PHE A 6 11.90 14.48 2.28
C PHE A 6 11.48 14.25 3.71
N LEU A 7 12.42 13.82 4.53
CA LEU A 7 12.17 13.56 5.94
C LEU A 7 12.77 14.69 6.76
N ALA A 8 11.97 15.25 7.67
CA ALA A 8 12.43 16.34 8.52
C ALA A 8 11.83 16.21 9.91
N LYS A 9 12.69 16.25 10.92
CA LYS A 9 12.28 16.15 12.31
C LYS A 9 11.29 15.02 12.57
N GLY A 10 11.46 13.92 11.84
CA GLY A 10 10.58 12.77 12.02
C GLY A 10 9.36 12.73 11.13
N ARG A 11 9.16 13.78 10.32
CA ARG A 11 7.99 13.83 9.45
C ARG A 11 8.34 13.67 7.97
N VAL A 12 7.53 12.89 7.26
CA VAL A 12 7.73 12.69 5.84
C VAL A 12 6.90 13.79 5.15
N HIS A 13 7.56 14.63 4.36
CA HIS A 13 6.87 15.69 3.65
C HIS A 13 6.77 15.47 2.15
N GLN A 14 5.61 15.79 1.59
CA GLN A 14 5.37 15.69 0.17
C GLN A 14 5.32 17.16 -0.25
N GLY A 15 6.43 17.69 -0.77
CA GLY A 15 6.45 19.09 -1.14
C GLY A 15 6.94 19.41 -2.54
N VAL A 16 7.41 20.65 -2.72
CA VAL A 16 7.89 21.11 -4.01
C VAL A 16 9.22 21.85 -3.82
N TYR A 17 10.00 21.94 -4.90
CA TYR A 17 11.29 22.59 -4.88
C TYR A 17 11.27 23.90 -5.67
N ARG A 18 11.44 25.01 -4.97
CA ARG A 18 11.44 26.33 -5.60
C ARG A 18 12.62 27.16 -5.07
N GLU A 19 13.37 27.78 -5.99
CA GLU A 19 14.51 28.60 -5.61
C GLU A 19 15.40 27.97 -4.55
N GLY A 20 15.93 26.79 -4.86
CA GLY A 20 16.81 26.10 -3.92
C GLY A 20 16.20 25.75 -2.57
N LEU A 21 14.90 25.98 -2.42
CA LEU A 21 14.24 25.68 -1.16
C LEU A 21 13.15 24.62 -1.31
N LEU A 22 13.01 23.80 -0.26
CA LEU A 22 11.99 22.75 -0.23
C LEU A 22 10.80 23.24 0.59
N LEU A 23 9.65 23.35 -0.06
CA LEU A 23 8.44 23.80 0.62
C LEU A 23 7.56 22.59 0.93
N ASP A 24 7.17 22.44 2.20
CA ASP A 24 6.31 21.31 2.57
C ASP A 24 4.87 21.60 2.15
N GLU A 25 3.95 20.76 2.60
CA GLU A 25 2.54 20.91 2.26
C GLU A 25 1.94 22.25 2.69
N ALA A 26 2.35 22.74 3.85
CA ALA A 26 1.85 24.01 4.36
C ALA A 26 2.55 25.20 3.74
N GLY A 27 3.52 24.92 2.88
CA GLY A 27 4.26 25.99 2.22
C GLY A 27 5.45 26.49 3.02
N GLU A 28 5.75 25.84 4.14
CA GLU A 28 6.89 26.25 4.95
C GLU A 28 8.19 25.83 4.27
N ALA A 29 9.20 26.68 4.35
CA ALA A 29 10.48 26.42 3.72
C ALA A 29 11.38 25.51 4.53
N HIS A 30 12.20 24.74 3.82
CA HIS A 30 13.14 23.80 4.43
C HIS A 30 14.44 23.89 3.64
N ARG A 31 15.57 23.87 4.34
CA ARG A 31 16.85 23.92 3.66
C ARG A 31 17.22 22.48 3.36
N PRO A 32 17.62 22.19 2.12
CA PRO A 32 17.99 20.82 1.76
C PRO A 32 18.96 20.19 2.76
N GLU A 33 19.91 21.00 3.23
CA GLU A 33 20.92 20.54 4.19
C GLU A 33 20.32 20.12 5.53
N ASP A 34 19.11 20.57 5.82
CA ASP A 34 18.45 20.26 7.07
C ASP A 34 17.58 19.01 7.02
N VAL A 35 17.32 18.49 5.82
CA VAL A 35 16.47 17.32 5.67
C VAL A 35 17.15 16.11 5.06
N THR A 36 16.42 14.99 5.04
CA THR A 36 16.92 13.75 4.45
C THR A 36 16.07 13.49 3.21
N TRP A 37 16.68 13.55 2.04
CA TRP A 37 15.96 13.32 0.79
C TRP A 37 15.46 11.89 0.70
N LEU A 38 14.28 11.73 0.09
CA LEU A 38 13.68 10.42 -0.11
C LEU A 38 13.33 10.34 -1.58
N LEU A 39 12.76 9.20 -1.99
CA LEU A 39 12.35 9.06 -3.38
C LEU A 39 11.21 10.04 -3.57
N PRO A 40 11.12 10.69 -4.74
CA PRO A 40 10.06 11.68 -5.00
C PRO A 40 8.64 11.09 -5.04
N PHE A 41 8.56 9.77 -5.10
CA PHE A 41 7.28 9.05 -5.11
C PHE A 41 7.58 7.58 -4.87
N THR A 42 6.54 6.76 -4.71
CA THR A 42 6.74 5.33 -4.51
C THR A 42 6.51 4.62 -5.84
N PRO A 43 7.59 4.14 -6.47
CA PRO A 43 7.44 3.45 -7.76
C PRO A 43 6.68 2.14 -7.69
N GLY A 44 6.00 1.82 -8.79
CA GLY A 44 5.29 0.56 -8.90
C GLY A 44 6.36 -0.33 -9.53
N LYS A 45 6.10 -0.91 -10.69
CA LYS A 45 7.14 -1.74 -11.30
C LYS A 45 8.01 -0.86 -12.18
N ILE A 46 9.27 -1.25 -12.30
CA ILE A 46 10.24 -0.49 -13.07
C ILE A 46 10.83 -1.33 -14.18
N LEU A 47 10.67 -0.87 -15.42
CA LEU A 47 11.25 -1.57 -16.57
C LEU A 47 12.30 -0.68 -17.22
N GLY A 48 13.36 -1.30 -17.71
CA GLY A 48 14.39 -0.54 -18.39
C GLY A 48 14.54 -1.10 -19.78
N VAL A 49 15.27 -0.39 -20.63
CA VAL A 49 15.51 -0.86 -21.98
C VAL A 49 17.01 -0.79 -22.26
N ALA A 50 17.57 -1.90 -22.70
CA ALA A 50 19.00 -1.94 -23.02
C ALA A 50 19.22 -1.59 -24.49
N LEU A 51 20.46 -1.26 -24.83
CA LEU A 51 20.82 -0.94 -26.22
C LEU A 51 19.88 0.08 -26.86
N ASN A 52 19.55 1.14 -26.16
CA ASN A 52 18.64 2.14 -26.73
C ASN A 52 19.33 3.38 -27.27
N TYR A 53 20.66 3.37 -27.25
CA TYR A 53 21.46 4.47 -27.79
C TYR A 53 22.59 3.84 -28.59
N ALA A 54 22.90 4.41 -29.75
CA ALA A 54 23.97 3.90 -30.59
C ALA A 54 25.03 4.98 -30.81
N GLY A 61 25.66 1.14 -41.48
CA GLY A 61 24.22 1.34 -41.45
C GLY A 61 23.53 0.27 -40.64
N LEU A 62 23.70 0.34 -39.31
CA LEU A 62 23.11 -0.63 -38.41
C LEU A 62 21.69 -0.28 -37.99
N SER A 63 20.83 -1.30 -37.96
CA SER A 63 19.44 -1.12 -37.59
C SER A 63 19.29 -1.15 -36.07
N ARG A 64 18.18 -0.61 -35.58
CA ARG A 64 17.93 -0.64 -34.15
C ARG A 64 17.40 -2.05 -33.88
N PRO A 65 17.42 -2.50 -32.62
CA PRO A 65 16.93 -3.86 -32.32
C PRO A 65 15.50 -4.05 -32.87
N GLU A 66 15.19 -5.26 -33.30
CA GLU A 66 13.86 -5.57 -33.83
C GLU A 66 12.76 -5.17 -32.85
N GLU A 67 13.08 -5.23 -31.56
CA GLU A 67 12.14 -4.84 -30.53
C GLU A 67 12.93 -4.44 -29.29
N PRO A 68 12.37 -3.57 -28.44
CA PRO A 68 13.04 -3.13 -27.21
C PRO A 68 13.52 -4.28 -26.33
N ALA A 69 14.78 -4.21 -25.89
CA ALA A 69 15.35 -5.24 -25.02
C ALA A 69 15.03 -4.83 -23.58
N LEU A 70 13.83 -5.18 -23.13
CA LEU A 70 13.35 -4.85 -21.81
C LEU A 70 13.95 -5.68 -20.67
N PHE A 71 14.13 -5.04 -19.52
CA PHE A 71 14.64 -5.72 -18.33
C PHE A 71 14.01 -5.07 -17.10
N TRP A 72 14.11 -5.76 -15.98
CA TRP A 72 13.50 -5.30 -14.74
C TRP A 72 14.48 -4.82 -13.69
N LYS A 73 14.05 -3.82 -12.91
CA LYS A 73 14.84 -3.30 -11.80
C LYS A 73 13.92 -3.46 -10.59
N PRO A 74 14.33 -4.25 -9.59
CA PRO A 74 13.48 -4.44 -8.41
C PRO A 74 13.36 -3.19 -7.58
N ASN A 75 12.24 -3.05 -6.86
CA ASN A 75 12.07 -1.89 -6.03
C ASN A 75 13.12 -1.84 -4.93
N THR A 76 13.72 -2.98 -4.60
CA THR A 76 14.77 -3.01 -3.58
C THR A 76 16.10 -2.38 -4.04
N SER A 77 16.19 -2.05 -5.33
CA SER A 77 17.40 -1.40 -5.84
C SER A 77 17.26 0.12 -5.68
N LEU A 78 16.04 0.60 -5.52
CA LEU A 78 15.80 2.03 -5.37
C LEU A 78 16.57 2.69 -4.23
N LEU A 79 17.08 3.88 -4.51
CA LEU A 79 17.84 4.64 -3.54
C LEU A 79 17.55 6.11 -3.78
N PRO A 80 17.40 6.90 -2.71
CA PRO A 80 17.11 8.32 -2.92
C PRO A 80 18.36 9.15 -3.17
N HIS A 81 18.15 10.39 -3.60
CA HIS A 81 19.22 11.35 -3.82
C HIS A 81 20.02 11.38 -2.51
N LYS A 82 21.34 11.43 -2.61
CA LYS A 82 22.23 11.47 -1.45
C LYS A 82 22.42 10.13 -0.75
N GLY A 83 21.63 9.13 -1.12
CA GLY A 83 21.76 7.81 -0.52
C GLY A 83 23.08 7.19 -0.94
N VAL A 84 23.58 6.23 -0.16
CA VAL A 84 24.85 5.58 -0.47
C VAL A 84 24.75 4.32 -1.31
N VAL A 85 25.40 4.33 -2.47
CA VAL A 85 25.41 3.17 -3.36
C VAL A 85 26.48 2.20 -2.85
N LEU A 86 26.13 0.92 -2.80
CA LEU A 86 27.06 -0.09 -2.30
C LEU A 86 27.78 -0.83 -3.41
N TYR A 87 29.10 -0.71 -3.40
CA TYR A 87 29.95 -1.35 -4.40
C TYR A 87 30.16 -2.83 -4.07
N PRO A 88 29.84 -3.72 -5.02
CA PRO A 88 29.99 -5.17 -4.87
C PRO A 88 31.44 -5.57 -4.58
N LYS A 89 31.64 -6.37 -3.54
CA LYS A 89 32.97 -6.82 -3.18
C LYS A 89 33.69 -7.53 -4.32
N GLY A 90 34.90 -7.07 -4.61
CA GLY A 90 35.71 -7.65 -5.66
C GLY A 90 35.35 -7.31 -7.09
N ALA A 91 34.23 -6.61 -7.29
CA ALA A 91 33.82 -6.25 -8.65
C ALA A 91 34.88 -5.35 -9.28
N ARG A 92 35.15 -5.58 -10.56
CA ARG A 92 36.15 -4.76 -11.27
C ARG A 92 35.54 -3.74 -12.22
N PHE A 93 34.32 -4.00 -12.69
CA PHE A 93 33.69 -3.09 -13.64
C PHE A 93 32.27 -2.64 -13.29
N VAL A 94 32.17 -1.67 -12.39
CA VAL A 94 30.87 -1.13 -11.98
C VAL A 94 30.72 0.21 -12.71
N HIS A 95 29.57 0.42 -13.34
CA HIS A 95 29.33 1.65 -14.10
C HIS A 95 28.03 2.34 -13.76
N TYR A 96 28.02 3.67 -13.81
CA TYR A 96 26.79 4.41 -13.58
C TYR A 96 26.16 4.44 -14.97
N GLU A 97 24.88 4.79 -15.04
CA GLU A 97 24.17 4.93 -16.30
C GLU A 97 23.14 6.04 -16.09
N VAL A 98 23.35 7.19 -16.73
CA VAL A 98 22.43 8.30 -16.58
C VAL A 98 21.29 8.13 -17.57
N GLU A 99 20.07 8.05 -17.04
CA GLU A 99 18.90 7.83 -17.87
C GLU A 99 17.69 8.66 -17.49
N LEU A 100 16.93 9.06 -18.50
CA LEU A 100 15.71 9.79 -18.28
C LEU A 100 14.71 8.72 -17.84
N ALA A 101 14.07 8.93 -16.70
CA ALA A 101 13.08 7.98 -16.20
C ALA A 101 11.70 8.60 -16.43
N VAL A 102 10.78 7.80 -16.95
CA VAL A 102 9.43 8.24 -17.25
C VAL A 102 8.45 7.65 -16.25
N VAL A 103 7.60 8.50 -15.67
CA VAL A 103 6.64 8.04 -14.69
C VAL A 103 5.23 8.05 -15.28
N VAL A 104 4.58 6.88 -15.25
CA VAL A 104 3.24 6.73 -15.78
C VAL A 104 2.24 7.41 -14.84
N GLY A 105 1.23 8.06 -15.42
CA GLY A 105 0.25 8.76 -14.61
C GLY A 105 -1.17 8.20 -14.71
N ARG A 106 -1.45 7.46 -15.77
CA ARG A 106 -2.77 6.85 -15.98
C ARG A 106 -2.59 5.43 -16.50
N PRO A 107 -3.53 4.52 -16.16
CA PRO A 107 -3.42 3.14 -16.62
C PRO A 107 -3.24 3.00 -18.12
N MET A 108 -2.23 2.23 -18.52
CA MET A 108 -1.94 2.04 -19.93
C MET A 108 -2.03 0.58 -20.41
N LYS A 109 -2.89 0.34 -21.40
CA LYS A 109 -3.02 -0.98 -22.00
C LYS A 109 -3.39 -0.76 -23.46
N ARG A 110 -2.55 -1.25 -24.37
CA ARG A 110 -2.75 -1.09 -25.81
C ARG A 110 -2.88 0.37 -26.21
N VAL A 111 -1.98 1.21 -25.69
CA VAL A 111 -1.99 2.63 -26.02
C VAL A 111 -1.14 2.83 -27.26
N ARG A 112 -1.60 3.65 -28.19
CA ARG A 112 -0.83 3.91 -29.42
C ARG A 112 0.28 4.92 -29.13
N ALA A 113 1.38 4.81 -29.87
CA ALA A 113 2.49 5.72 -29.68
C ALA A 113 2.07 7.19 -29.73
N LYS A 114 1.21 7.55 -30.69
CA LYS A 114 0.77 8.93 -30.84
C LYS A 114 -0.01 9.46 -29.63
N ASP A 115 -0.52 8.54 -28.80
CA ASP A 115 -1.27 8.92 -27.60
C ASP A 115 -0.50 8.68 -26.30
N ALA A 116 0.60 7.92 -26.39
CA ALA A 116 1.39 7.56 -25.22
C ALA A 116 1.79 8.65 -24.23
N LEU A 117 2.37 9.74 -24.71
CA LEU A 117 2.79 10.80 -23.80
C LEU A 117 1.65 11.41 -22.98
N ASP A 118 0.41 11.26 -23.46
CA ASP A 118 -0.73 11.79 -22.72
C ASP A 118 -0.97 11.00 -21.44
N TYR A 119 -0.27 9.88 -21.29
CA TYR A 119 -0.43 9.05 -20.09
C TYR A 119 0.72 9.22 -19.10
N VAL A 120 1.69 10.05 -19.45
CA VAL A 120 2.85 10.29 -18.60
C VAL A 120 2.61 11.36 -17.55
N LEU A 121 2.90 11.03 -16.30
CA LEU A 121 2.73 11.95 -15.19
C LEU A 121 3.88 12.94 -15.15
N GLY A 122 5.10 12.42 -15.19
CA GLY A 122 6.26 13.28 -15.15
C GLY A 122 7.56 12.57 -15.44
N TYR A 123 8.67 13.25 -15.15
CA TYR A 123 9.99 12.71 -15.42
C TYR A 123 10.94 12.88 -14.24
N THR A 124 11.98 12.06 -14.22
CA THR A 124 12.98 12.15 -13.17
C THR A 124 14.27 11.57 -13.70
N ILE A 125 15.31 11.63 -12.89
CA ILE A 125 16.62 11.12 -13.29
C ILE A 125 16.84 9.77 -12.63
N ALA A 126 17.47 8.86 -13.36
CA ALA A 126 17.79 7.54 -12.81
C ALA A 126 19.24 7.22 -13.07
N ASN A 127 19.87 6.53 -12.13
CA ASN A 127 21.26 6.11 -12.30
C ASN A 127 21.10 4.59 -12.33
N ASP A 128 21.02 4.01 -13.52
CA ASP A 128 20.83 2.57 -13.68
C ASP A 128 22.15 1.80 -13.62
N LEU A 129 22.70 1.71 -12.42
CA LEU A 129 23.97 1.04 -12.18
C LEU A 129 24.04 -0.41 -12.62
N VAL A 130 25.24 -0.84 -12.95
CA VAL A 130 25.45 -2.21 -13.37
C VAL A 130 26.85 -2.68 -12.99
N ALA A 131 26.95 -3.94 -12.60
CA ALA A 131 28.24 -4.53 -12.27
C ALA A 131 28.47 -5.47 -13.45
N ARG A 132 29.20 -4.97 -14.45
CA ARG A 132 29.45 -5.77 -15.66
C ARG A 132 30.11 -7.13 -15.41
N ASP A 133 30.79 -7.27 -14.28
CA ASP A 133 31.45 -8.53 -13.94
C ASP A 133 30.45 -9.68 -13.98
N TYR A 134 29.22 -9.40 -13.57
CA TYR A 134 28.18 -10.43 -13.50
C TYR A 134 27.28 -10.51 -14.72
N VAL A 135 27.70 -9.90 -15.83
CA VAL A 135 26.93 -9.94 -17.06
C VAL A 135 27.46 -11.04 -17.98
N ARG A 140 20.56 -14.01 -20.78
CA ARG A 140 19.78 -14.10 -19.55
C ARG A 140 19.57 -12.74 -18.90
N PRO A 141 18.44 -12.56 -18.19
CA PRO A 141 18.15 -11.29 -17.52
C PRO A 141 19.33 -10.94 -16.60
N PRO A 142 19.86 -9.72 -16.70
CA PRO A 142 20.98 -9.34 -15.85
C PRO A 142 20.53 -8.94 -14.45
N ILE A 143 19.79 -9.81 -13.78
CA ILE A 143 19.31 -9.46 -12.45
C ILE A 143 20.40 -9.33 -11.39
N ARG A 144 21.34 -10.26 -11.36
CA ARG A 144 22.42 -10.17 -10.37
C ARG A 144 23.33 -8.99 -10.68
N ALA A 145 23.39 -8.60 -11.94
CA ALA A 145 24.25 -7.49 -12.36
C ALA A 145 23.58 -6.12 -12.23
N LYS A 146 22.25 -6.10 -12.35
CA LYS A 146 21.49 -4.84 -12.31
C LYS A 146 20.52 -4.64 -11.16
N GLY A 147 20.02 -5.72 -10.59
CA GLY A 147 19.04 -5.61 -9.52
C GLY A 147 19.53 -5.69 -8.09
N ARG A 148 20.79 -5.32 -7.86
CA ARG A 148 21.35 -5.35 -6.52
C ARG A 148 20.77 -4.22 -5.67
N ASP A 149 20.80 -4.38 -4.36
CA ASP A 149 20.29 -3.35 -3.46
C ASP A 149 21.12 -2.08 -3.72
N THR A 150 20.42 -0.94 -3.72
CA THR A 150 20.99 0.40 -3.95
C THR A 150 21.42 0.71 -5.38
N PHE A 151 21.19 -0.21 -6.30
CA PHE A 151 21.60 0.03 -7.69
C PHE A 151 20.66 0.86 -8.56
N LEU A 152 19.72 1.56 -7.93
CA LEU A 152 18.84 2.45 -8.70
C LEU A 152 18.56 3.80 -8.05
N PRO A 153 19.59 4.65 -7.93
CA PRO A 153 19.31 5.96 -7.33
C PRO A 153 18.22 6.55 -8.22
N LEU A 154 17.24 7.22 -7.62
CA LEU A 154 16.14 7.81 -8.41
C LEU A 154 15.69 9.12 -7.78
N GLY A 155 15.65 10.18 -8.59
CA GLY A 155 15.23 11.48 -8.10
C GLY A 155 16.11 12.60 -8.62
N PRO A 156 16.20 13.74 -7.92
CA PRO A 156 15.54 14.02 -6.64
C PRO A 156 14.06 14.38 -6.78
N PHE A 157 13.63 14.76 -7.98
CA PHE A 157 12.25 15.17 -8.14
C PHE A 157 11.40 14.45 -9.18
N LEU A 158 10.09 14.62 -9.05
CA LEU A 158 9.14 14.10 -10.01
C LEU A 158 8.73 15.40 -10.69
N VAL A 159 9.29 15.64 -11.88
CA VAL A 159 9.03 16.86 -12.62
C VAL A 159 7.80 16.74 -13.51
N VAL A 160 6.77 17.49 -13.16
CA VAL A 160 5.52 17.47 -13.91
C VAL A 160 5.19 18.78 -14.58
N GLU A 161 4.58 18.70 -15.76
CA GLU A 161 4.16 19.86 -16.51
C GLU A 161 5.29 20.83 -16.85
N GLU A 162 6.50 20.31 -17.02
CA GLU A 162 7.65 21.15 -17.36
C GLU A 162 8.36 20.68 -18.62
N VAL A 163 8.56 19.37 -18.75
CA VAL A 163 9.23 18.83 -19.93
C VAL A 163 8.32 18.95 -21.14
N GLU A 164 8.76 19.69 -22.14
CA GLU A 164 7.99 19.90 -23.37
C GLU A 164 8.09 18.70 -24.30
N ASP A 165 9.31 18.20 -24.46
CA ASP A 165 9.57 17.06 -25.34
C ASP A 165 10.63 16.17 -24.70
N PRO A 166 10.23 14.95 -24.28
CA PRO A 166 11.21 14.06 -23.66
C PRO A 166 12.38 13.68 -24.57
N GLN A 167 12.19 13.81 -25.88
CA GLN A 167 13.24 13.48 -26.84
C GLN A 167 14.14 14.68 -27.16
N ASP A 168 14.11 15.69 -26.30
CA ASP A 168 14.94 16.87 -26.53
C ASP A 168 15.51 17.40 -25.22
N LEU A 169 16.27 16.54 -24.54
CA LEU A 169 16.89 16.88 -23.26
C LEU A 169 18.34 16.44 -23.22
N TRP A 170 19.24 17.26 -22.68
CA TRP A 170 20.63 16.83 -22.60
C TRP A 170 20.83 15.99 -21.35
N LEU A 171 21.83 15.11 -21.42
CA LEU A 171 22.17 14.22 -20.31
C LEU A 171 23.63 14.48 -19.95
N ARG A 172 23.91 14.58 -18.65
CA ARG A 172 25.27 14.79 -18.19
C ARG A 172 25.57 14.00 -16.92
N ALA A 173 26.82 13.58 -16.79
CA ALA A 173 27.24 12.83 -15.62
C ALA A 173 28.61 13.29 -15.17
N TYR A 174 28.74 13.54 -13.87
CA TYR A 174 29.99 13.95 -13.27
C TYR A 174 30.40 12.96 -12.18
N VAL A 175 31.70 12.69 -12.08
CA VAL A 175 32.23 11.82 -11.05
C VAL A 175 33.25 12.66 -10.30
N ASN A 176 33.00 12.88 -9.02
CA ASN A 176 33.87 13.69 -8.17
C ASN A 176 33.99 15.12 -8.73
N GLY A 177 32.86 15.65 -9.18
CA GLY A 177 32.84 17.01 -9.70
C GLY A 177 33.40 17.17 -11.10
N GLU A 178 33.95 16.11 -11.67
CA GLU A 178 34.51 16.19 -13.01
C GLU A 178 33.57 15.62 -14.06
N LEU A 179 33.30 16.39 -15.11
CA LEU A 179 32.41 15.95 -16.17
C LEU A 179 32.96 14.68 -16.82
N ARG A 180 32.14 13.63 -16.88
CA ARG A 180 32.57 12.38 -17.48
C ARG A 180 31.94 12.16 -18.85
N GLN A 181 30.70 12.61 -18.99
CA GLN A 181 29.99 12.37 -20.23
C GLN A 181 28.81 13.28 -20.51
N GLU A 182 28.53 13.49 -21.79
CA GLU A 182 27.40 14.31 -22.24
C GLU A 182 26.65 13.52 -23.29
N GLY A 183 25.32 13.56 -23.23
CA GLY A 183 24.50 12.85 -24.19
C GLY A 183 23.23 13.65 -24.43
N HIS A 184 22.34 13.12 -25.27
CA HIS A 184 21.10 13.82 -25.56
C HIS A 184 20.01 12.82 -25.88
N THR A 185 18.83 12.98 -25.27
CA THR A 185 17.73 12.05 -25.47
C THR A 185 17.19 11.96 -26.90
N SER A 186 17.56 12.90 -27.75
CA SER A 186 17.09 12.86 -29.13
C SER A 186 17.69 11.65 -29.83
N ARG A 187 18.79 11.14 -29.28
CA ARG A 187 19.49 9.99 -29.87
C ARG A 187 18.95 8.62 -29.47
N MET A 188 17.85 8.60 -28.72
CA MET A 188 17.21 7.35 -28.31
C MET A 188 16.82 6.57 -29.57
N LEU A 189 17.08 5.27 -29.60
CA LEU A 189 16.71 4.47 -30.77
C LEU A 189 15.19 4.31 -30.81
N TYR A 190 14.59 3.97 -29.67
CA TYR A 190 13.14 3.87 -29.54
C TYR A 190 12.76 5.03 -28.65
N SER A 191 11.77 5.83 -29.06
CA SER A 191 11.33 6.95 -28.26
C SER A 191 10.52 6.48 -27.07
N VAL A 192 10.27 7.41 -26.15
CA VAL A 192 9.46 7.11 -24.97
C VAL A 192 8.08 6.65 -25.44
N ALA A 193 7.52 7.33 -26.43
CA ALA A 193 6.21 6.99 -26.95
C ALA A 193 6.17 5.57 -27.52
N GLU A 194 7.20 5.21 -28.29
CA GLU A 194 7.27 3.88 -28.88
C GLU A 194 7.43 2.80 -27.81
N LEU A 195 8.23 3.09 -26.79
CA LEU A 195 8.46 2.15 -25.71
C LEU A 195 7.17 1.86 -24.93
N LEU A 196 6.45 2.93 -24.58
CA LEU A 196 5.20 2.75 -23.84
C LEU A 196 4.19 2.02 -24.68
N GLU A 197 4.24 2.23 -26.00
CA GLU A 197 3.32 1.54 -26.89
C GLU A 197 3.65 0.05 -26.89
N PHE A 198 4.93 -0.25 -27.04
CA PHE A 198 5.41 -1.63 -27.09
C PHE A 198 5.08 -2.40 -25.80
N ILE A 199 5.38 -1.79 -24.67
CA ILE A 199 5.13 -2.42 -23.38
C ILE A 199 3.64 -2.56 -23.04
N SER A 200 2.90 -1.47 -23.16
CA SER A 200 1.48 -1.50 -22.82
C SER A 200 0.64 -2.38 -23.74
N GLU A 201 1.25 -2.82 -24.84
CA GLU A 201 0.55 -3.70 -25.77
C GLU A 201 0.25 -5.02 -25.08
N PHE A 202 1.16 -5.47 -24.21
CA PHE A 202 0.97 -6.76 -23.54
C PHE A 202 0.99 -6.71 -22.00
N MET A 203 1.42 -5.60 -21.44
CA MET A 203 1.50 -5.45 -19.99
C MET A 203 0.84 -4.15 -19.56
N THR A 204 -0.12 -4.25 -18.64
CA THR A 204 -0.79 -3.05 -18.18
C THR A 204 0.15 -2.25 -17.28
N LEU A 205 0.36 -0.98 -17.63
CA LEU A 205 1.21 -0.09 -16.83
C LEU A 205 0.29 0.72 -15.93
N GLU A 206 0.63 0.81 -14.66
CA GLU A 206 -0.19 1.51 -13.70
C GLU A 206 0.44 2.82 -13.26
N PRO A 207 -0.36 3.74 -12.70
CA PRO A 207 0.18 5.03 -12.24
C PRO A 207 1.37 4.75 -11.31
N TYR A 208 2.46 5.48 -11.52
CA TYR A 208 3.70 5.36 -10.74
C TYR A 208 4.64 4.24 -11.16
N ASP A 209 4.30 3.53 -12.23
CA ASP A 209 5.20 2.52 -12.77
C ASP A 209 6.28 3.39 -13.43
N VAL A 210 7.47 2.86 -13.62
CA VAL A 210 8.56 3.64 -14.18
C VAL A 210 9.25 2.99 -15.36
N LEU A 211 9.58 3.80 -16.37
CA LEU A 211 10.28 3.32 -17.55
C LEU A 211 11.65 4.00 -17.61
N LEU A 212 12.71 3.20 -17.63
CA LEU A 212 14.08 3.72 -17.73
C LEU A 212 14.39 3.64 -19.23
N THR A 213 14.77 4.77 -19.82
CA THR A 213 14.98 4.83 -21.26
C THR A 213 16.37 4.54 -21.83
N GLY A 214 17.30 4.09 -20.99
CA GLY A 214 18.62 3.77 -21.48
C GLY A 214 19.65 4.86 -21.38
N THR A 215 20.87 4.58 -21.82
CA THR A 215 21.94 5.55 -21.76
C THR A 215 22.98 5.31 -22.86
N PRO A 216 23.61 6.38 -23.35
CA PRO A 216 24.63 6.21 -24.39
C PRO A 216 25.92 5.75 -23.71
N LYS A 217 26.72 4.94 -24.41
CA LYS A 217 27.98 4.47 -23.84
C LYS A 217 28.91 5.64 -23.54
N GLY A 218 29.75 5.48 -22.53
CA GLY A 218 30.68 6.53 -22.15
C GLY A 218 31.70 6.05 -21.14
N ILE A 219 32.53 6.99 -20.66
CA ILE A 219 33.55 6.67 -19.66
C ILE A 219 32.82 6.71 -18.33
N SER A 220 32.07 5.65 -18.03
CA SER A 220 31.25 5.58 -16.83
C SER A 220 31.66 4.68 -15.68
N GLN A 221 32.87 4.14 -15.70
CA GLN A 221 33.31 3.28 -14.61
C GLN A 221 33.45 4.05 -13.31
N VAL A 222 33.01 3.44 -12.21
CA VAL A 222 33.11 4.10 -10.91
C VAL A 222 33.76 3.18 -9.89
N ARG A 223 34.29 3.78 -8.82
CA ARG A 223 34.97 3.04 -7.78
C ARG A 223 34.54 3.51 -6.40
N PRO A 224 34.84 2.71 -5.36
CA PRO A 224 34.46 3.08 -4.00
C PRO A 224 35.04 4.45 -3.65
N GLY A 225 34.23 5.29 -3.02
CA GLY A 225 34.69 6.63 -2.66
C GLY A 225 34.24 7.69 -3.64
N ASP A 226 33.90 7.28 -4.87
CA ASP A 226 33.46 8.24 -5.88
C ASP A 226 32.10 8.84 -5.56
N VAL A 227 31.90 10.07 -6.00
CA VAL A 227 30.63 10.77 -5.82
C VAL A 227 30.08 10.98 -7.22
N MET A 228 28.93 10.38 -7.51
CA MET A 228 28.32 10.50 -8.83
C MET A 228 27.23 11.57 -8.82
N ARG A 229 27.29 12.48 -9.78
CA ARG A 229 26.25 13.52 -9.87
C ARG A 229 25.73 13.50 -11.29
N LEU A 230 24.48 13.04 -11.45
CA LEU A 230 23.87 12.95 -12.77
C LEU A 230 22.88 14.09 -12.95
N GLU A 231 22.88 14.67 -14.14
CA GLU A 231 21.99 15.79 -14.44
C GLU A 231 21.30 15.62 -15.77
N ILE A 232 20.05 16.05 -15.81
CA ILE A 232 19.28 16.02 -17.04
C ILE A 232 18.60 17.36 -17.17
N GLU A 233 18.60 17.90 -18.39
CA GLU A 233 18.01 19.20 -18.67
C GLU A 233 16.66 19.41 -17.99
N GLY A 234 16.62 20.35 -17.04
CA GLY A 234 15.39 20.68 -16.36
C GLY A 234 14.95 19.79 -15.22
N LEU A 235 15.70 18.72 -14.94
CA LEU A 235 15.32 17.80 -13.87
C LEU A 235 16.19 17.86 -12.62
N GLY A 236 17.10 18.83 -12.56
CA GLY A 236 17.94 18.94 -11.39
C GLY A 236 19.17 18.06 -11.45
N ALA A 237 19.68 17.69 -10.28
CA ALA A 237 20.86 16.86 -10.18
C ALA A 237 20.69 15.79 -9.11
N LEU A 238 21.01 14.55 -9.47
CA LEU A 238 20.92 13.40 -8.57
C LEU A 238 22.34 13.05 -8.14
N GLU A 239 22.62 13.08 -6.84
CA GLU A 239 23.96 12.79 -6.36
C GLU A 239 24.05 11.64 -5.36
N ASN A 240 24.98 10.72 -5.62
CA ASN A 240 25.17 9.57 -4.74
C ASN A 240 26.63 9.16 -4.62
N PRO A 241 27.12 9.01 -3.38
CA PRO A 241 28.50 8.59 -3.15
C PRO A 241 28.48 7.06 -3.14
N ILE A 242 29.65 6.44 -3.34
CA ILE A 242 29.75 4.99 -3.36
C ILE A 242 30.64 4.49 -2.21
N GLU A 243 30.17 3.46 -1.51
CA GLU A 243 30.93 2.87 -0.41
C GLU A 243 31.04 1.38 -0.68
N GLU A 244 32.08 0.73 -0.17
CA GLU A 244 32.23 -0.71 -0.37
C GLU A 244 31.17 -1.42 0.47
N GLU A 245 30.68 -2.56 -0.02
CA GLU A 245 29.67 -3.30 0.74
C GLU A 245 30.21 -3.55 2.14
N PRO A 246 29.37 -3.38 3.16
CA PRO A 246 29.80 -3.61 4.55
C PRO A 246 29.91 -5.10 4.86
N MET B 1 -2.19 -24.80 7.82
CA MET B 1 -3.54 -24.39 7.33
C MET B 1 -3.46 -23.77 5.92
N LYS B 2 -4.55 -23.91 5.17
CA LYS B 2 -4.64 -23.36 3.82
C LYS B 2 -5.36 -22.02 3.86
N LEU B 3 -4.58 -20.95 3.80
CA LEU B 3 -5.14 -19.61 3.83
C LEU B 3 -5.67 -19.25 2.44
N ALA B 4 -6.77 -18.50 2.41
CA ALA B 4 -7.37 -18.10 1.15
C ALA B 4 -8.05 -16.75 1.27
N ARG B 5 -8.25 -16.08 0.14
CA ARG B 5 -8.92 -14.79 0.10
C ARG B 5 -10.02 -14.91 -0.94
N PHE B 6 -11.19 -14.38 -0.64
CA PHE B 6 -12.29 -14.46 -1.57
C PHE B 6 -13.23 -13.27 -1.44
N LEU B 7 -14.02 -13.03 -2.47
CA LEU B 7 -14.95 -11.91 -2.49
C LEU B 7 -16.38 -12.47 -2.39
N ALA B 8 -17.17 -11.90 -1.49
CA ALA B 8 -18.54 -12.34 -1.31
C ALA B 8 -19.42 -11.18 -0.84
N LYS B 9 -20.50 -10.95 -1.57
CA LYS B 9 -21.45 -9.88 -1.23
C LYS B 9 -20.80 -8.53 -1.02
N GLY B 10 -19.79 -8.22 -1.83
CA GLY B 10 -19.11 -6.94 -1.73
C GLY B 10 -17.99 -6.87 -0.72
N ARG B 11 -17.77 -7.96 0.02
CA ARG B 11 -16.71 -7.96 1.03
C ARG B 11 -15.53 -8.86 0.69
N VAL B 12 -14.32 -8.37 0.94
CA VAL B 12 -13.12 -9.16 0.71
C VAL B 12 -12.88 -9.88 2.03
N HIS B 13 -12.80 -11.20 1.99
CA HIS B 13 -12.57 -11.99 3.20
C HIS B 13 -11.24 -12.73 3.17
N GLN B 14 -10.59 -12.78 4.33
CA GLN B 14 -9.34 -13.51 4.45
C GLN B 14 -9.75 -14.71 5.29
N GLY B 15 -9.86 -15.87 4.65
CA GLY B 15 -10.28 -17.05 5.36
C GLY B 15 -9.38 -18.27 5.34
N VAL B 16 -9.94 -19.39 5.78
CA VAL B 16 -9.23 -20.66 5.84
C VAL B 16 -10.05 -21.74 5.16
N TYR B 17 -9.38 -22.64 4.45
CA TYR B 17 -10.05 -23.72 3.74
C TYR B 17 -10.06 -24.99 4.56
N ARG B 18 -11.24 -25.39 5.01
CA ARG B 18 -11.42 -26.61 5.81
C ARG B 18 -12.60 -27.42 5.30
N GLU B 19 -12.41 -28.72 5.12
CA GLU B 19 -13.47 -29.60 4.65
C GLU B 19 -14.22 -29.04 3.45
N GLY B 20 -13.48 -28.60 2.44
CA GLY B 20 -14.12 -28.08 1.24
C GLY B 20 -14.94 -26.83 1.43
N LEU B 21 -14.71 -26.12 2.53
CA LEU B 21 -15.45 -24.88 2.80
C LEU B 21 -14.53 -23.75 3.21
N LEU B 22 -14.96 -22.53 2.93
CA LEU B 22 -14.18 -21.34 3.27
C LEU B 22 -14.76 -20.65 4.49
N LEU B 23 -13.92 -20.44 5.51
CA LEU B 23 -14.37 -19.77 6.73
C LEU B 23 -13.76 -18.38 6.79
N ASP B 24 -14.59 -17.36 7.01
CA ASP B 24 -14.09 -16.00 7.08
C ASP B 24 -13.53 -15.66 8.46
N GLU B 25 -13.11 -14.40 8.62
CA GLU B 25 -12.54 -13.91 9.86
C GLU B 25 -13.47 -14.07 11.06
N ALA B 26 -14.76 -14.16 10.80
CA ALA B 26 -15.74 -14.31 11.87
C ALA B 26 -16.10 -15.77 12.12
N GLY B 27 -15.56 -16.66 11.29
CA GLY B 27 -15.84 -18.07 11.47
C GLY B 27 -16.99 -18.56 10.61
N GLU B 28 -17.70 -17.63 9.97
CA GLU B 28 -18.82 -18.01 9.11
C GLU B 28 -18.32 -18.74 7.88
N ALA B 29 -19.04 -19.80 7.48
CA ALA B 29 -18.66 -20.60 6.33
C ALA B 29 -19.25 -20.09 5.02
N HIS B 30 -18.54 -20.34 3.93
CA HIS B 30 -18.95 -19.94 2.59
C HIS B 30 -18.66 -21.09 1.64
N ARG B 31 -19.59 -21.35 0.72
CA ARG B 31 -19.37 -22.42 -0.25
C ARG B 31 -18.57 -21.79 -1.38
N PRO B 32 -17.54 -22.47 -1.88
CA PRO B 32 -16.71 -21.95 -2.97
C PRO B 32 -17.53 -21.43 -4.15
N GLU B 33 -18.48 -22.24 -4.60
CA GLU B 33 -19.35 -21.90 -5.72
C GLU B 33 -20.10 -20.59 -5.53
N ASP B 34 -20.20 -20.13 -4.28
CA ASP B 34 -20.93 -18.89 -3.99
C ASP B 34 -20.02 -17.68 -3.87
N VAL B 35 -18.71 -17.89 -3.97
CA VAL B 35 -17.77 -16.78 -3.82
C VAL B 35 -16.85 -16.62 -5.03
N THR B 36 -16.13 -15.51 -5.07
CA THR B 36 -15.19 -15.26 -6.15
C THR B 36 -13.78 -15.37 -5.55
N TRP B 37 -13.02 -16.34 -6.02
CA TRP B 37 -11.66 -16.54 -5.51
C TRP B 37 -10.76 -15.37 -5.89
N LEU B 38 -9.84 -15.05 -4.99
CA LEU B 38 -8.87 -13.98 -5.22
C LEU B 38 -7.52 -14.59 -4.96
N LEU B 39 -6.46 -13.80 -5.09
CA LEU B 39 -5.12 -14.27 -4.81
C LEU B 39 -5.09 -14.50 -3.29
N PRO B 40 -4.43 -15.57 -2.83
CA PRO B 40 -4.36 -15.86 -1.39
C PRO B 40 -3.64 -14.79 -0.56
N PHE B 41 -2.91 -13.91 -1.24
CA PHE B 41 -2.19 -12.83 -0.58
C PHE B 41 -1.74 -11.87 -1.66
N THR B 42 -1.20 -10.72 -1.28
CA THR B 42 -0.73 -9.76 -2.27
C THR B 42 0.78 -9.90 -2.40
N PRO B 43 1.23 -10.48 -3.53
CA PRO B 43 2.67 -10.67 -3.77
C PRO B 43 3.45 -9.37 -3.90
N GLY B 44 4.71 -9.42 -3.45
CA GLY B 44 5.59 -8.29 -3.60
C GLY B 44 6.21 -8.60 -4.95
N LYS B 45 7.54 -8.67 -5.03
CA LYS B 45 8.18 -8.99 -6.29
C LYS B 45 8.24 -10.50 -6.49
N ILE B 46 8.17 -10.90 -7.76
CA ILE B 46 8.17 -12.30 -8.14
C ILE B 46 9.33 -12.63 -9.07
N LEU B 47 10.16 -13.59 -8.68
CA LEU B 47 11.28 -14.04 -9.49
C LEU B 47 11.11 -15.51 -9.83
N GLY B 48 11.47 -15.87 -11.05
CA GLY B 48 11.37 -17.27 -11.47
C GLY B 48 12.76 -17.74 -11.86
N VAL B 49 12.92 -19.04 -12.05
CA VAL B 49 14.21 -19.59 -12.45
C VAL B 49 13.96 -20.44 -13.68
N ALA B 50 14.73 -20.21 -14.74
CA ALA B 50 14.57 -20.97 -15.96
C ALA B 50 15.51 -22.18 -15.92
N LEU B 51 15.17 -23.20 -16.69
CA LEU B 51 15.99 -24.41 -16.77
C LEU B 51 16.43 -24.91 -15.39
N ASN B 52 15.47 -25.19 -14.51
CA ASN B 52 15.81 -25.68 -13.18
C ASN B 52 15.43 -27.15 -12.96
N TYR B 53 15.11 -27.84 -14.05
CA TYR B 53 14.78 -29.26 -13.95
C TYR B 53 15.49 -30.09 -15.01
N ALA B 54 15.72 -31.35 -14.70
CA ALA B 54 16.39 -32.28 -15.61
C ALA B 54 15.57 -32.43 -16.89
N SER B 63 25.10 -32.15 -14.89
CA SER B 63 25.28 -31.18 -13.82
C SER B 63 24.19 -30.10 -13.88
N ARG B 64 24.57 -28.87 -13.56
CA ARG B 64 23.61 -27.76 -13.58
C ARG B 64 24.31 -26.44 -13.94
N PRO B 65 23.53 -25.43 -14.35
CA PRO B 65 24.05 -24.12 -14.73
C PRO B 65 24.97 -23.51 -13.66
N GLU B 66 25.96 -22.73 -14.11
CA GLU B 66 26.92 -22.08 -13.21
C GLU B 66 26.18 -21.27 -12.15
N GLU B 67 25.05 -20.69 -12.54
CA GLU B 67 24.24 -19.90 -11.62
C GLU B 67 22.80 -19.93 -12.11
N PRO B 68 21.84 -19.81 -11.18
CA PRO B 68 20.42 -19.83 -11.55
C PRO B 68 20.09 -18.76 -12.58
N ALA B 69 19.32 -19.15 -13.59
CA ALA B 69 18.91 -18.23 -14.65
C ALA B 69 17.60 -17.56 -14.20
N LEU B 70 17.75 -16.48 -13.46
CA LEU B 70 16.61 -15.75 -12.90
C LEU B 70 15.89 -14.81 -13.87
N PHE B 71 14.58 -14.69 -13.69
CA PHE B 71 13.78 -13.79 -14.50
C PHE B 71 12.62 -13.25 -13.66
N TRP B 72 11.98 -12.21 -14.18
CA TRP B 72 10.89 -11.54 -13.48
C TRP B 72 9.50 -11.77 -14.07
N LYS B 73 8.49 -11.74 -13.19
CA LYS B 73 7.10 -11.87 -13.60
C LYS B 73 6.42 -10.66 -12.94
N PRO B 74 5.82 -9.77 -13.74
CA PRO B 74 5.14 -8.57 -13.21
C PRO B 74 3.89 -8.92 -12.42
N ASN B 75 3.56 -8.10 -11.43
CA ASN B 75 2.37 -8.34 -10.64
C ASN B 75 1.12 -8.29 -11.54
N THR B 76 1.23 -7.61 -12.68
CA THR B 76 0.09 -7.55 -13.59
C THR B 76 -0.18 -8.89 -14.32
N SER B 77 0.73 -9.84 -14.18
CA SER B 77 0.51 -11.15 -14.78
C SER B 77 -0.33 -12.00 -13.82
N LEU B 78 -0.34 -11.62 -12.54
CA LEU B 78 -1.08 -12.39 -11.53
C LEU B 78 -2.56 -12.58 -11.83
N LEU B 79 -3.02 -13.81 -11.61
CA LEU B 79 -4.41 -14.17 -11.86
C LEU B 79 -4.86 -15.16 -10.79
N PRO B 80 -6.07 -14.98 -10.25
CA PRO B 80 -6.54 -15.91 -9.22
C PRO B 80 -7.09 -17.22 -9.77
N HIS B 81 -7.26 -18.17 -8.87
CA HIS B 81 -7.84 -19.47 -9.19
C HIS B 81 -9.18 -19.16 -9.85
N LYS B 82 -9.49 -19.86 -10.94
CA LYS B 82 -10.73 -19.67 -11.68
C LYS B 82 -10.71 -18.47 -12.64
N GLY B 83 -9.68 -17.63 -12.55
CA GLY B 83 -9.59 -16.49 -13.45
C GLY B 83 -9.33 -16.95 -14.87
N VAL B 84 -9.64 -16.11 -15.84
CA VAL B 84 -9.46 -16.45 -17.26
C VAL B 84 -8.13 -15.98 -17.84
N VAL B 85 -7.36 -16.93 -18.38
CA VAL B 85 -6.08 -16.60 -19.01
C VAL B 85 -6.37 -16.15 -20.42
N LEU B 86 -5.75 -15.05 -20.84
CA LEU B 86 -5.94 -14.52 -22.18
C LEU B 86 -4.86 -15.03 -23.12
N TYR B 87 -5.29 -15.68 -24.19
CA TYR B 87 -4.38 -16.23 -25.18
C TYR B 87 -3.96 -15.12 -26.16
N PRO B 88 -2.65 -14.90 -26.34
CA PRO B 88 -2.16 -13.85 -27.26
C PRO B 88 -2.66 -14.05 -28.68
N LYS B 89 -3.31 -13.04 -29.22
CA LYS B 89 -3.85 -13.09 -30.57
C LYS B 89 -2.78 -13.50 -31.59
N GLY B 90 -3.05 -14.56 -32.34
CA GLY B 90 -2.11 -15.02 -33.34
C GLY B 90 -0.96 -15.89 -32.87
N ALA B 91 -0.81 -16.05 -31.56
CA ALA B 91 0.27 -16.88 -31.02
C ALA B 91 0.03 -18.34 -31.40
N ARG B 92 1.10 -19.05 -31.73
CA ARG B 92 0.99 -20.44 -32.11
C ARG B 92 1.46 -21.41 -31.05
N PHE B 93 2.43 -20.99 -30.23
CA PHE B 93 2.99 -21.88 -29.21
C PHE B 93 2.95 -21.33 -27.78
N VAL B 94 1.81 -21.50 -27.11
CA VAL B 94 1.63 -21.06 -25.73
C VAL B 94 1.64 -22.29 -24.83
N HIS B 95 2.42 -22.24 -23.75
CA HIS B 95 2.55 -23.36 -22.82
C HIS B 95 2.31 -23.01 -21.37
N TYR B 96 1.75 -23.96 -20.62
CA TYR B 96 1.54 -23.75 -19.20
C TYR B 96 2.84 -24.26 -18.57
N GLU B 97 3.08 -23.92 -17.32
CA GLU B 97 4.28 -24.39 -16.61
C GLU B 97 3.88 -24.56 -15.15
N VAL B 98 3.74 -25.80 -14.70
CA VAL B 98 3.37 -26.03 -13.30
C VAL B 98 4.61 -25.91 -12.42
N GLU B 99 4.55 -24.99 -11.46
CA GLU B 99 5.70 -24.78 -10.59
C GLU B 99 5.33 -24.55 -9.13
N LEU B 100 6.21 -25.01 -8.25
CA LEU B 100 6.03 -24.80 -6.83
C LEU B 100 6.42 -23.34 -6.59
N ALA B 101 5.55 -22.59 -5.94
CA ALA B 101 5.80 -21.18 -5.64
C ALA B 101 6.10 -21.06 -4.14
N VAL B 102 7.20 -20.38 -3.82
CA VAL B 102 7.63 -20.19 -2.44
C VAL B 102 7.35 -18.77 -1.99
N VAL B 103 6.68 -18.63 -0.85
CA VAL B 103 6.34 -17.31 -0.32
C VAL B 103 7.23 -16.94 0.86
N VAL B 104 7.96 -15.83 0.73
CA VAL B 104 8.86 -15.36 1.77
C VAL B 104 8.07 -14.82 2.98
N GLY B 105 8.51 -15.19 4.19
CA GLY B 105 7.82 -14.75 5.39
C GLY B 105 8.57 -13.74 6.24
N ARG B 106 9.88 -13.68 6.09
CA ARG B 106 10.71 -12.73 6.83
C ARG B 106 11.76 -12.14 5.92
N PRO B 107 12.18 -10.88 6.16
CA PRO B 107 13.20 -10.22 5.35
C PRO B 107 14.45 -11.07 5.20
N MET B 108 14.91 -11.25 3.96
CA MET B 108 16.09 -12.05 3.67
C MET B 108 17.18 -11.28 2.96
N LYS B 109 18.38 -11.30 3.54
CA LYS B 109 19.55 -10.66 2.96
C LYS B 109 20.75 -11.45 3.47
N ARG B 110 21.50 -12.02 2.54
CA ARG B 110 22.69 -12.82 2.85
C ARG B 110 22.36 -14.00 3.77
N VAL B 111 21.28 -14.69 3.46
CA VAL B 111 20.86 -15.85 4.24
C VAL B 111 21.54 -17.09 3.67
N ARG B 112 22.10 -17.91 4.54
CA ARG B 112 22.78 -19.13 4.11
C ARG B 112 21.72 -20.18 3.77
N ALA B 113 22.02 -21.06 2.83
CA ALA B 113 21.09 -22.10 2.42
C ALA B 113 20.55 -22.93 3.59
N LYS B 114 21.42 -23.29 4.53
CA LYS B 114 21.01 -24.10 5.67
C LYS B 114 19.92 -23.44 6.53
N ASP B 115 19.83 -22.12 6.47
CA ASP B 115 18.83 -21.37 7.25
C ASP B 115 17.69 -20.81 6.40
N ALA B 116 17.80 -20.93 5.09
CA ALA B 116 16.81 -20.38 4.18
C ALA B 116 15.35 -20.76 4.41
N LEU B 117 15.06 -22.05 4.52
CA LEU B 117 13.67 -22.47 4.70
C LEU B 117 13.04 -21.90 5.96
N ASP B 118 13.85 -21.40 6.90
CA ASP B 118 13.33 -20.80 8.12
C ASP B 118 12.70 -19.44 7.84
N TYR B 119 12.95 -18.89 6.66
CA TYR B 119 12.40 -17.58 6.30
C TYR B 119 11.17 -17.70 5.42
N VAL B 120 10.78 -18.93 5.11
CA VAL B 120 9.63 -19.19 4.26
C VAL B 120 8.31 -19.17 5.03
N LEU B 121 7.34 -18.44 4.53
CA LEU B 121 6.03 -18.35 5.15
C LEU B 121 5.20 -19.56 4.74
N GLY B 122 5.16 -19.85 3.44
CA GLY B 122 4.39 -20.98 2.96
C GLY B 122 4.57 -21.21 1.47
N TYR B 123 3.72 -22.06 0.91
CA TYR B 123 3.80 -22.41 -0.51
C TYR B 123 2.45 -22.32 -1.20
N THR B 124 2.49 -22.29 -2.53
CA THR B 124 1.28 -22.25 -3.33
C THR B 124 1.64 -22.79 -4.70
N ILE B 125 0.65 -22.86 -5.59
CA ILE B 125 0.86 -23.36 -6.94
C ILE B 125 0.90 -22.19 -7.92
N ALA B 126 1.74 -22.30 -8.95
CA ALA B 126 1.83 -21.26 -9.97
C ALA B 126 1.79 -21.88 -11.36
N ASN B 127 1.19 -21.15 -12.29
CA ASN B 127 1.14 -21.58 -13.68
C ASN B 127 1.96 -20.49 -14.38
N ASP B 128 3.25 -20.75 -14.59
CA ASP B 128 4.15 -19.77 -15.22
C ASP B 128 4.10 -19.88 -16.73
N LEU B 129 3.01 -19.38 -17.31
CA LEU B 129 2.78 -19.44 -18.75
C LEU B 129 3.84 -18.73 -19.59
N VAL B 130 3.98 -19.19 -20.82
CA VAL B 130 4.94 -18.60 -21.74
C VAL B 130 4.43 -18.70 -23.16
N ALA B 131 4.70 -17.67 -23.95
CA ALA B 131 4.32 -17.66 -25.36
C ALA B 131 5.67 -17.80 -26.07
N ARG B 132 6.01 -19.04 -26.42
CA ARG B 132 7.28 -19.32 -27.08
C ARG B 132 7.50 -18.58 -28.39
N ASP B 133 6.40 -18.13 -29.00
CA ASP B 133 6.48 -17.37 -30.26
C ASP B 133 7.39 -16.16 -30.05
N TYR B 134 7.34 -15.60 -28.84
CA TYR B 134 8.10 -14.40 -28.55
C TYR B 134 9.44 -14.59 -27.84
N VAL B 135 9.93 -15.83 -27.80
CA VAL B 135 11.20 -16.11 -27.15
C VAL B 135 12.39 -16.06 -28.12
N THR B 136 13.50 -15.50 -27.64
CA THR B 136 14.76 -15.39 -28.38
C THR B 136 15.85 -15.50 -27.33
N ASN B 137 17.11 -15.26 -27.71
CA ASN B 137 18.19 -15.37 -26.73
C ASN B 137 18.60 -14.04 -26.09
N THR B 138 17.70 -13.06 -26.15
CA THR B 138 17.96 -11.76 -25.54
C THR B 138 17.16 -11.73 -24.24
N PHE B 139 17.86 -11.70 -23.11
CA PHE B 139 17.21 -11.69 -21.80
C PHE B 139 16.13 -12.77 -21.80
N ARG B 140 16.53 -13.98 -22.17
CA ARG B 140 15.62 -15.12 -22.24
C ARG B 140 15.27 -15.66 -20.86
N PRO B 141 13.97 -15.90 -20.60
CA PRO B 141 12.87 -15.67 -21.53
C PRO B 141 12.45 -14.19 -21.52
N PRO B 142 12.17 -13.61 -22.69
CA PRO B 142 11.77 -12.20 -22.74
C PRO B 142 10.53 -11.86 -21.92
N ILE B 143 10.46 -10.61 -21.47
CA ILE B 143 9.33 -10.14 -20.69
C ILE B 143 8.07 -10.21 -21.55
N ARG B 144 8.20 -9.93 -22.85
CA ARG B 144 7.05 -9.99 -23.75
C ARG B 144 6.45 -11.40 -23.82
N ALA B 145 7.31 -12.41 -23.62
CA ALA B 145 6.87 -13.81 -23.68
C ALA B 145 6.32 -14.36 -22.37
N LYS B 146 6.79 -13.81 -21.25
CA LYS B 146 6.41 -14.29 -19.94
C LYS B 146 5.60 -13.32 -19.07
N GLY B 147 5.84 -12.03 -19.25
CA GLY B 147 5.19 -11.02 -18.43
C GLY B 147 3.89 -10.41 -18.90
N ARG B 148 3.14 -11.14 -19.72
CA ARG B 148 1.86 -10.65 -20.23
C ARG B 148 0.76 -10.71 -19.17
N ASP B 149 -0.23 -9.83 -19.31
CA ASP B 149 -1.36 -9.82 -18.38
C ASP B 149 -2.00 -11.22 -18.33
N THR B 150 -2.30 -11.68 -17.12
CA THR B 150 -2.93 -12.97 -16.82
C THR B 150 -2.02 -14.19 -16.99
N PHE B 151 -0.74 -13.99 -17.27
CA PHE B 151 0.15 -15.12 -17.46
C PHE B 151 0.73 -15.75 -16.18
N LEU B 152 0.16 -15.41 -15.03
CA LEU B 152 0.63 -16.02 -13.79
C LEU B 152 -0.47 -16.40 -12.82
N PRO B 153 -1.27 -17.43 -13.17
CA PRO B 153 -2.32 -17.84 -12.24
C PRO B 153 -1.56 -18.20 -10.96
N LEU B 154 -2.13 -17.91 -9.79
CA LEU B 154 -1.44 -18.21 -8.54
C LEU B 154 -2.44 -18.54 -7.45
N GLY B 155 -2.23 -19.69 -6.80
CA GLY B 155 -3.11 -20.09 -5.72
C GLY B 155 -3.49 -21.55 -5.81
N PRO B 156 -4.67 -21.94 -5.30
CA PRO B 156 -5.61 -21.02 -4.67
C PRO B 156 -5.31 -20.71 -3.21
N PHE B 157 -4.35 -21.42 -2.63
CA PHE B 157 -4.03 -21.22 -1.21
C PHE B 157 -2.60 -20.83 -0.87
N LEU B 158 -2.46 -20.24 0.31
CA LEU B 158 -1.16 -19.91 0.86
C LEU B 158 -1.08 -20.98 1.94
N VAL B 159 -0.43 -22.10 1.61
CA VAL B 159 -0.31 -23.22 2.53
C VAL B 159 0.85 -23.02 3.51
N VAL B 160 0.49 -22.82 4.78
CA VAL B 160 1.47 -22.60 5.83
C VAL B 160 1.49 -23.72 6.87
N GLU B 161 2.70 -24.06 7.34
CA GLU B 161 2.88 -25.08 8.35
C GLU B 161 2.37 -26.46 7.95
N GLU B 162 2.44 -26.80 6.66
CA GLU B 162 1.96 -28.11 6.20
C GLU B 162 3.00 -28.86 5.38
N VAL B 163 3.76 -28.12 4.56
CA VAL B 163 4.80 -28.75 3.75
C VAL B 163 6.04 -28.97 4.62
N GLU B 164 6.43 -30.23 4.75
CA GLU B 164 7.59 -30.56 5.57
C GLU B 164 8.90 -30.48 4.78
N ASP B 165 8.85 -30.77 3.48
CA ASP B 165 10.02 -30.70 2.62
C ASP B 165 9.60 -30.32 1.20
N PRO B 166 9.93 -29.10 0.77
CA PRO B 166 9.57 -28.62 -0.56
C PRO B 166 10.24 -29.39 -1.70
N GLN B 167 11.30 -30.13 -1.39
CA GLN B 167 12.02 -30.90 -2.40
C GLN B 167 11.45 -32.32 -2.51
N ASP B 168 10.31 -32.55 -1.89
CA ASP B 168 9.68 -33.88 -1.92
C ASP B 168 8.17 -33.76 -2.16
N LEU B 169 7.80 -33.20 -3.30
CA LEU B 169 6.39 -33.01 -3.67
C LEU B 169 6.17 -33.38 -5.13
N TRP B 170 5.06 -34.05 -5.44
CA TRP B 170 4.79 -34.38 -6.83
C TRP B 170 4.09 -33.21 -7.51
N LEU B 171 4.28 -33.10 -8.82
CA LEU B 171 3.68 -32.04 -9.62
C LEU B 171 2.82 -32.67 -10.71
N ARG B 172 1.64 -32.12 -10.92
CA ARG B 172 0.75 -32.63 -11.97
C ARG B 172 0.00 -31.52 -12.66
N ALA B 173 -0.25 -31.71 -13.95
CA ALA B 173 -0.98 -30.73 -14.74
C ALA B 173 -1.97 -31.46 -15.64
N TYR B 174 -3.20 -30.95 -15.66
CA TYR B 174 -4.25 -31.52 -16.48
C TYR B 174 -4.77 -30.45 -17.43
N VAL B 175 -5.12 -30.87 -18.64
CA VAL B 175 -5.71 -29.96 -19.63
C VAL B 175 -7.03 -30.58 -20.03
N ASN B 176 -8.12 -29.89 -19.71
CA ASN B 176 -9.46 -30.38 -20.02
C ASN B 176 -9.73 -31.72 -19.33
N GLY B 177 -9.30 -31.83 -18.08
CA GLY B 177 -9.52 -33.05 -17.32
C GLY B 177 -8.56 -34.19 -17.61
N GLU B 178 -7.73 -34.05 -18.63
CA GLU B 178 -6.79 -35.11 -18.98
C GLU B 178 -5.38 -34.84 -18.48
N LEU B 179 -4.80 -35.81 -17.78
CA LEU B 179 -3.46 -35.69 -17.25
C LEU B 179 -2.45 -35.49 -18.38
N ARG B 180 -1.75 -34.36 -18.34
CA ARG B 180 -0.77 -34.03 -19.35
C ARG B 180 0.66 -34.29 -18.91
N GLN B 181 0.92 -34.11 -17.62
CA GLN B 181 2.28 -34.26 -17.13
C GLN B 181 2.40 -34.54 -15.64
N GLU B 182 3.47 -35.23 -15.28
CA GLU B 182 3.77 -35.55 -13.90
C GLU B 182 5.25 -35.26 -13.63
N GLY B 183 5.51 -34.58 -12.53
CA GLY B 183 6.89 -34.26 -12.18
C GLY B 183 7.08 -34.34 -10.69
N HIS B 184 8.28 -34.09 -10.22
CA HIS B 184 8.56 -34.14 -8.79
C HIS B 184 9.62 -33.11 -8.42
N THR B 185 9.38 -32.38 -7.34
CA THR B 185 10.30 -31.33 -6.92
C THR B 185 11.68 -31.80 -6.47
N SER B 186 11.86 -33.10 -6.34
CA SER B 186 13.16 -33.64 -5.92
C SER B 186 14.14 -33.52 -7.07
N ARG B 187 13.63 -33.28 -8.27
CA ARG B 187 14.46 -33.18 -9.46
C ARG B 187 14.94 -31.75 -9.74
N MET B 188 14.67 -30.84 -8.80
CA MET B 188 15.12 -29.45 -8.93
C MET B 188 16.64 -29.43 -8.98
N LEU B 189 17.21 -28.68 -9.92
CA LEU B 189 18.66 -28.61 -10.02
C LEU B 189 19.19 -27.80 -8.85
N TYR B 190 18.55 -26.66 -8.61
CA TYR B 190 18.88 -25.79 -7.48
C TYR B 190 17.68 -25.88 -6.55
N SER B 191 17.90 -26.21 -5.30
CA SER B 191 16.81 -26.31 -4.33
C SER B 191 16.27 -24.94 -3.95
N VAL B 192 15.12 -24.95 -3.29
CA VAL B 192 14.51 -23.71 -2.83
C VAL B 192 15.53 -23.00 -1.94
N ALA B 193 16.15 -23.74 -1.03
CA ALA B 193 17.15 -23.17 -0.13
C ALA B 193 18.32 -22.56 -0.90
N GLU B 194 18.83 -23.26 -1.91
CA GLU B 194 19.95 -22.74 -2.68
C GLU B 194 19.55 -21.49 -3.48
N LEU B 195 18.33 -21.49 -4.00
CA LEU B 195 17.83 -20.35 -4.77
C LEU B 195 17.68 -19.10 -3.90
N LEU B 196 17.10 -19.26 -2.71
CA LEU B 196 16.92 -18.12 -1.81
C LEU B 196 18.26 -17.60 -1.31
N GLU B 197 19.26 -18.48 -1.21
CA GLU B 197 20.59 -18.06 -0.78
C GLU B 197 21.21 -17.24 -1.91
N PHE B 198 21.12 -17.77 -3.13
CA PHE B 198 21.68 -17.10 -4.30
C PHE B 198 21.10 -15.70 -4.48
N ILE B 199 19.77 -15.61 -4.39
CA ILE B 199 19.08 -14.35 -4.58
C ILE B 199 19.32 -13.35 -3.44
N SER B 200 19.08 -13.79 -2.21
CA SER B 200 19.24 -12.91 -1.05
C SER B 200 20.67 -12.42 -0.84
N GLU B 201 21.62 -13.02 -1.56
CA GLU B 201 23.00 -12.59 -1.44
C GLU B 201 23.18 -11.16 -1.95
N PHE B 202 22.40 -10.77 -2.95
CA PHE B 202 22.51 -9.44 -3.54
C PHE B 202 21.21 -8.64 -3.55
N MET B 203 20.09 -9.33 -3.33
CA MET B 203 18.77 -8.69 -3.35
C MET B 203 17.97 -9.00 -2.09
N THR B 204 17.53 -7.96 -1.39
CA THR B 204 16.74 -8.17 -0.18
C THR B 204 15.34 -8.68 -0.52
N LEU B 205 14.97 -9.85 0.00
CA LEU B 205 13.64 -10.39 -0.25
C LEU B 205 12.78 -9.99 0.95
N GLU B 206 11.59 -9.49 0.68
CA GLU B 206 10.70 -9.05 1.73
C GLU B 206 9.51 -9.99 1.90
N PRO B 207 8.82 -9.91 3.05
CA PRO B 207 7.65 -10.77 3.27
C PRO B 207 6.67 -10.62 2.11
N TYR B 208 6.18 -11.75 1.62
CA TYR B 208 5.24 -11.84 0.50
C TYR B 208 5.87 -11.79 -0.88
N ASP B 209 7.20 -11.72 -0.95
CA ASP B 209 7.87 -11.78 -2.23
C ASP B 209 7.71 -13.24 -2.63
N VAL B 210 7.77 -13.54 -3.92
CA VAL B 210 7.56 -14.91 -4.37
C VAL B 210 8.66 -15.46 -5.28
N LEU B 211 9.00 -16.73 -5.07
CA LEU B 211 10.00 -17.41 -5.87
C LEU B 211 9.33 -18.55 -6.63
N LEU B 212 9.46 -18.54 -7.95
CA LEU B 212 8.91 -19.59 -8.80
C LEU B 212 10.10 -20.50 -9.03
N THR B 213 9.93 -21.79 -8.75
CA THR B 213 11.03 -22.72 -8.84
C THR B 213 11.28 -23.49 -10.14
N GLY B 214 10.52 -23.17 -11.18
CA GLY B 214 10.74 -23.83 -12.45
C GLY B 214 9.83 -25.03 -12.70
N THR B 215 10.03 -25.68 -13.84
CA THR B 215 9.20 -26.83 -14.19
C THR B 215 9.93 -27.75 -15.18
N PRO B 216 9.60 -29.05 -15.17
CA PRO B 216 10.25 -29.98 -16.09
C PRO B 216 9.55 -29.90 -17.44
N LYS B 217 10.28 -30.19 -18.52
CA LYS B 217 9.68 -30.14 -19.86
C LYS B 217 8.60 -31.22 -19.96
N GLY B 218 7.57 -30.95 -20.75
CA GLY B 218 6.51 -31.91 -20.94
C GLY B 218 5.60 -31.48 -22.07
N ILE B 219 4.50 -32.21 -22.26
CA ILE B 219 3.54 -31.87 -23.31
C ILE B 219 2.65 -30.80 -22.69
N SER B 220 3.12 -29.56 -22.75
CA SER B 220 2.42 -28.44 -22.13
C SER B 220 1.75 -27.39 -23.00
N GLN B 221 1.58 -27.65 -24.30
CA GLN B 221 0.96 -26.66 -25.16
C GLN B 221 -0.55 -26.57 -24.90
N VAL B 222 -1.05 -25.34 -24.83
CA VAL B 222 -2.46 -25.11 -24.59
C VAL B 222 -3.07 -24.20 -25.64
N ARG B 223 -4.39 -24.26 -25.78
CA ARG B 223 -5.07 -23.44 -26.77
C ARG B 223 -6.36 -22.82 -26.22
N PRO B 224 -6.91 -21.83 -26.94
CA PRO B 224 -8.14 -21.18 -26.49
C PRO B 224 -9.22 -22.23 -26.21
N GLY B 225 -9.91 -22.08 -25.09
CA GLY B 225 -10.96 -23.04 -24.76
C GLY B 225 -10.52 -24.09 -23.75
N ASP B 226 -9.22 -24.35 -23.67
CA ASP B 226 -8.73 -25.34 -22.73
C ASP B 226 -8.90 -24.89 -21.29
N VAL B 227 -9.06 -25.86 -20.39
CA VAL B 227 -9.19 -25.59 -18.97
C VAL B 227 -7.97 -26.24 -18.31
N MET B 228 -7.09 -25.41 -17.78
CA MET B 228 -5.88 -25.90 -17.13
C MET B 228 -6.09 -26.12 -15.64
N ARG B 229 -5.70 -27.30 -15.16
CA ARG B 229 -5.81 -27.60 -13.74
C ARG B 229 -4.46 -28.13 -13.27
N LEU B 230 -3.77 -27.32 -12.48
CA LEU B 230 -2.47 -27.68 -11.96
C LEU B 230 -2.60 -28.12 -10.51
N GLU B 231 -1.88 -29.17 -10.16
CA GLU B 231 -1.92 -29.70 -8.81
C GLU B 231 -0.52 -30.00 -8.28
N ILE B 232 -0.32 -29.73 -7.00
CA ILE B 232 0.95 -30.02 -6.35
C ILE B 232 0.60 -30.66 -5.02
N GLU B 233 1.32 -31.72 -4.69
CA GLU B 233 1.10 -32.47 -3.46
C GLU B 233 0.83 -31.59 -2.25
N GLY B 234 -0.39 -31.72 -1.70
CA GLY B 234 -0.77 -30.96 -0.53
C GLY B 234 -1.16 -29.49 -0.70
N LEU B 235 -1.08 -28.97 -1.92
CA LEU B 235 -1.41 -27.56 -2.14
C LEU B 235 -2.73 -27.31 -2.87
N GLY B 236 -3.49 -28.38 -3.11
CA GLY B 236 -4.77 -28.22 -3.78
C GLY B 236 -4.68 -28.23 -5.29
N ALA B 237 -5.64 -27.57 -5.94
CA ALA B 237 -5.68 -27.51 -7.38
C ALA B 237 -6.00 -26.10 -7.88
N LEU B 238 -5.19 -25.62 -8.81
CA LEU B 238 -5.35 -24.29 -9.40
C LEU B 238 -5.89 -24.49 -10.81
N GLU B 239 -7.10 -23.99 -11.04
CA GLU B 239 -7.74 -24.16 -12.34
C GLU B 239 -8.07 -22.87 -13.08
N ASN B 240 -7.68 -22.83 -14.35
CA ASN B 240 -7.95 -21.65 -15.18
C ASN B 240 -8.25 -21.97 -16.63
N PRO B 241 -9.35 -21.41 -17.14
CA PRO B 241 -9.71 -21.64 -18.54
C PRO B 241 -8.97 -20.59 -19.37
N ILE B 242 -8.91 -20.81 -20.68
CA ILE B 242 -8.23 -19.88 -21.58
C ILE B 242 -9.21 -19.34 -22.62
N GLU B 243 -9.12 -18.04 -22.88
CA GLU B 243 -9.97 -17.37 -23.86
C GLU B 243 -9.08 -16.52 -24.74
N GLU B 244 -9.54 -16.23 -25.96
CA GLU B 244 -8.77 -15.39 -26.87
C GLU B 244 -8.95 -13.94 -26.48
N GLU B 245 -7.94 -13.12 -26.77
CA GLU B 245 -8.02 -11.70 -26.46
C GLU B 245 -9.16 -11.09 -27.27
N PRO B 246 -9.71 -9.96 -26.79
CA PRO B 246 -10.81 -9.30 -27.49
C PRO B 246 -10.46 -9.00 -28.94
N MET C 1 11.13 -10.78 20.68
CA MET C 1 12.10 -9.79 20.14
C MET C 1 11.48 -8.41 19.96
N LYS C 2 12.35 -7.41 19.89
CA LYS C 2 11.93 -6.03 19.72
C LYS C 2 12.25 -5.58 18.29
N LEU C 3 11.22 -5.58 17.45
CA LEU C 3 11.37 -5.18 16.06
C LEU C 3 11.39 -3.67 15.93
N ALA C 4 12.18 -3.18 14.99
CA ALA C 4 12.28 -1.75 14.75
C ALA C 4 12.54 -1.47 13.29
N ARG C 5 12.32 -0.23 12.87
CA ARG C 5 12.58 0.19 11.51
C ARG C 5 13.36 1.47 11.62
N PHE C 6 14.38 1.62 10.76
CA PHE C 6 15.20 2.82 10.81
C PHE C 6 15.79 3.11 9.45
N LEU C 7 16.17 4.37 9.26
CA LEU C 7 16.75 4.83 8.01
C LEU C 7 18.24 5.11 8.20
N ALA C 8 19.06 4.53 7.33
CA ALA C 8 20.50 4.74 7.40
C ALA C 8 21.09 4.78 6.00
N LYS C 9 21.82 5.85 5.70
CA LYS C 9 22.45 6.02 4.40
C LYS C 9 21.48 5.86 3.23
N GLY C 10 20.26 6.34 3.42
CA GLY C 10 19.26 6.29 2.36
C GLY C 10 18.45 5.00 2.26
N ARG C 11 18.74 4.03 3.10
CA ARG C 11 18.02 2.76 3.07
C ARG C 11 17.15 2.54 4.31
N VAL C 12 15.96 1.99 4.09
CA VAL C 12 15.06 1.68 5.19
C VAL C 12 15.36 0.24 5.60
N HIS C 13 15.65 0.05 6.88
CA HIS C 13 15.96 -1.28 7.40
C HIS C 13 14.89 -1.74 8.38
N GLN C 14 14.59 -3.04 8.32
CA GLN C 14 13.64 -3.67 9.21
C GLN C 14 14.57 -4.50 10.08
N GLY C 15 14.82 -4.06 11.32
CA GLY C 15 15.73 -4.81 12.17
C GLY C 15 15.22 -5.26 13.54
N VAL C 16 16.15 -5.72 14.36
CA VAL C 16 15.87 -6.20 15.71
C VAL C 16 16.80 -5.51 16.70
N TYR C 17 16.25 -5.15 17.86
CA TYR C 17 17.01 -4.45 18.90
C TYR C 17 17.49 -5.43 19.98
N ARG C 18 18.80 -5.53 20.15
CA ARG C 18 19.38 -6.42 21.15
C ARG C 18 20.62 -5.79 21.78
N GLU C 19 20.71 -5.90 23.10
CA GLU C 19 21.84 -5.36 23.84
C GLU C 19 22.19 -3.94 23.44
N GLY C 20 21.17 -3.11 23.25
CA GLY C 20 21.38 -1.72 22.90
C GLY C 20 21.73 -1.42 21.45
N LEU C 21 21.69 -2.43 20.59
CA LEU C 21 22.02 -2.22 19.19
C LEU C 21 20.93 -2.70 18.25
N LEU C 22 20.92 -2.14 17.05
CA LEU C 22 19.97 -2.49 16.01
C LEU C 22 20.65 -3.38 14.99
N LEU C 23 20.15 -4.60 14.81
CA LEU C 23 20.71 -5.51 13.82
C LEU C 23 19.79 -5.47 12.61
N ASP C 24 20.34 -5.22 11.42
CA ASP C 24 19.50 -5.17 10.24
C ASP C 24 19.27 -6.55 9.61
N GLU C 25 18.54 -6.57 8.51
CA GLU C 25 18.22 -7.81 7.82
C GLU C 25 19.44 -8.67 7.52
N ALA C 26 20.57 -8.04 7.24
CA ALA C 26 21.79 -8.78 6.92
C ALA C 26 22.61 -9.17 8.15
N GLY C 27 22.16 -8.75 9.32
CA GLY C 27 22.88 -9.09 10.54
C GLY C 27 23.92 -8.06 10.95
N GLU C 28 23.99 -6.97 10.20
CA GLU C 28 24.93 -5.90 10.49
C GLU C 28 24.37 -5.06 11.64
N ALA C 29 25.21 -4.75 12.62
CA ALA C 29 24.77 -3.96 13.78
C ALA C 29 24.89 -2.47 13.56
N HIS C 30 23.92 -1.72 14.10
CA HIS C 30 23.87 -0.27 13.98
C HIS C 30 23.67 0.34 15.36
N ARG C 31 24.31 1.47 15.61
CA ARG C 31 24.14 2.16 16.89
C ARG C 31 22.96 3.11 16.72
N PRO C 32 22.04 3.14 17.70
CA PRO C 32 20.87 4.01 17.63
C PRO C 32 21.20 5.45 17.26
N GLU C 33 22.28 5.99 17.82
CA GLU C 33 22.68 7.37 17.55
C GLU C 33 23.07 7.64 16.11
N ASP C 34 23.39 6.59 15.35
CA ASP C 34 23.80 6.77 13.97
C ASP C 34 22.67 6.67 12.95
N VAL C 35 21.50 6.22 13.38
CA VAL C 35 20.38 6.08 12.45
C VAL C 35 19.24 7.06 12.71
N THR C 36 18.24 7.02 11.85
CA THR C 36 17.07 7.86 12.02
C THR C 36 15.92 6.90 12.27
N TRP C 37 15.40 6.93 13.49
CA TRP C 37 14.30 6.04 13.84
C TRP C 37 13.05 6.34 13.02
N LEU C 38 12.27 5.30 12.78
CA LEU C 38 11.03 5.37 12.01
C LEU C 38 10.02 4.60 12.87
N LEU C 39 8.76 4.55 12.43
CA LEU C 39 7.76 3.79 13.17
C LEU C 39 8.16 2.32 13.02
N PRO C 40 7.97 1.51 14.08
CA PRO C 40 8.33 0.09 14.03
C PRO C 40 7.54 -0.73 13.01
N PHE C 41 6.47 -0.14 12.50
CA PHE C 41 5.64 -0.80 11.51
C PHE C 41 4.67 0.25 10.97
N THR C 42 3.88 -0.12 9.97
CA THR C 42 2.91 0.80 9.38
C THR C 42 1.52 0.46 9.94
N PRO C 43 0.99 1.30 10.82
CA PRO C 43 -0.33 1.09 11.43
C PRO C 43 -1.52 1.19 10.47
N GLY C 44 -2.53 0.36 10.71
CA GLY C 44 -3.73 0.41 9.92
C GLY C 44 -4.57 1.50 10.56
N LYS C 45 -5.67 1.14 11.21
CA LYS C 45 -6.47 2.16 11.88
C LYS C 45 -6.13 2.16 13.36
N ILE C 46 -6.20 3.34 13.97
CA ILE C 46 -5.86 3.49 15.39
C ILE C 46 -7.02 4.01 16.24
N LEU C 47 -7.42 3.20 17.24
CA LEU C 47 -8.50 3.58 18.16
C LEU C 47 -7.94 3.67 19.56
N GLY C 48 -8.54 4.54 20.38
CA GLY C 48 -8.11 4.70 21.75
C GLY C 48 -9.32 4.77 22.65
N VAL C 49 -9.15 4.39 23.92
CA VAL C 49 -10.24 4.45 24.88
C VAL C 49 -9.91 5.55 25.88
N ALA C 50 -10.83 6.50 26.04
CA ALA C 50 -10.61 7.61 26.96
C ALA C 50 -11.12 7.25 28.36
N LEU C 51 -10.58 7.93 29.37
CA LEU C 51 -10.98 7.69 30.76
C LEU C 51 -10.99 6.20 31.09
N ASN C 52 -9.85 5.55 30.92
CA ASN C 52 -9.76 4.12 31.19
C ASN C 52 -8.91 3.79 32.41
N TYR C 53 -8.55 4.82 33.17
CA TYR C 53 -7.75 4.64 34.39
C TYR C 53 -8.41 5.30 35.60
N ALA C 54 -8.56 4.54 36.67
CA ALA C 54 -9.18 5.03 37.90
C ALA C 54 -8.31 6.11 38.55
N ARG C 64 -16.88 2.11 36.70
CA ARG C 64 -16.33 2.42 35.39
C ARG C 64 -17.46 2.69 34.40
N PRO C 65 -17.16 3.37 33.29
CA PRO C 65 -18.18 3.68 32.28
C PRO C 65 -18.85 2.38 31.79
N GLU C 66 -20.15 2.46 31.51
CA GLU C 66 -20.88 1.29 31.05
C GLU C 66 -20.39 0.79 29.70
N GLU C 67 -19.66 1.65 28.98
CA GLU C 67 -19.11 1.25 27.68
C GLU C 67 -17.86 2.07 27.39
N PRO C 68 -16.88 1.46 26.71
CA PRO C 68 -15.64 2.18 26.38
C PRO C 68 -15.89 3.41 25.51
N ALA C 69 -15.35 4.56 25.92
CA ALA C 69 -15.48 5.79 25.15
C ALA C 69 -14.36 5.77 24.11
N LEU C 70 -14.68 5.26 22.92
CA LEU C 70 -13.70 5.13 21.84
C LEU C 70 -13.49 6.37 21.00
N PHE C 71 -12.22 6.66 20.69
CA PHE C 71 -11.89 7.80 19.86
C PHE C 71 -10.84 7.39 18.82
N TRP C 72 -10.72 8.22 17.79
CA TRP C 72 -9.80 7.96 16.68
C TRP C 72 -8.56 8.85 16.65
N LYS C 73 -7.48 8.29 16.12
CA LYS C 73 -6.22 9.02 15.96
C LYS C 73 -5.85 8.82 14.50
N PRO C 74 -5.82 9.90 13.71
CA PRO C 74 -5.44 9.75 12.30
C PRO C 74 -3.98 9.34 12.15
N ASN C 75 -3.67 8.65 11.05
CA ASN C 75 -2.31 8.21 10.81
C ASN C 75 -1.37 9.41 10.63
N THR C 76 -1.92 10.56 10.27
CA THR C 76 -1.11 11.76 10.08
C THR C 76 -0.64 12.31 11.43
N SER C 77 -1.11 11.74 12.53
CA SER C 77 -0.67 12.20 13.84
C SER C 77 0.55 11.37 14.26
N LEU C 78 0.74 10.22 13.61
CA LEU C 78 1.86 9.32 13.91
C LEU C 78 3.22 9.99 13.80
N LEU C 79 4.06 9.73 14.79
CA LEU C 79 5.40 10.30 14.83
C LEU C 79 6.36 9.26 15.40
N PRO C 80 7.56 9.13 14.81
CA PRO C 80 8.48 8.13 15.35
C PRO C 80 9.32 8.65 16.52
N HIS C 81 10.01 7.72 17.17
CA HIS C 81 10.90 8.03 18.27
C HIS C 81 11.87 9.13 17.78
N LYS C 82 12.15 10.10 18.63
CA LYS C 82 13.05 11.21 18.31
C LYS C 82 12.41 12.27 17.43
N GLY C 83 11.22 12.00 16.91
CA GLY C 83 10.55 12.97 16.08
C GLY C 83 10.08 14.15 16.92
N VAL C 84 9.99 15.33 16.32
CA VAL C 84 9.57 16.54 17.04
C VAL C 84 8.07 16.79 17.02
N VAL C 85 7.47 16.92 18.21
CA VAL C 85 6.04 17.19 18.31
C VAL C 85 5.82 18.69 18.17
N LEU C 86 4.85 19.07 17.34
CA LEU C 86 4.55 20.48 17.10
C LEU C 86 3.53 20.98 18.12
N TYR C 87 3.91 22.03 18.84
CA TYR C 87 3.04 22.63 19.85
C TYR C 87 2.13 23.63 19.17
N PRO C 88 0.80 23.43 19.27
CA PRO C 88 -0.21 24.31 18.67
C PRO C 88 0.03 25.79 18.98
N LYS C 89 0.17 26.59 17.94
CA LYS C 89 0.40 28.02 18.08
C LYS C 89 -0.68 28.69 18.92
N GLY C 90 -0.28 29.29 20.04
CA GLY C 90 -1.23 29.99 20.89
C GLY C 90 -1.89 29.13 21.96
N ALA C 91 -1.68 27.81 21.89
CA ALA C 91 -2.29 26.91 22.88
C ALA C 91 -1.66 27.12 24.25
N ARG C 92 -2.44 26.84 25.30
CA ARG C 92 -1.96 27.00 26.66
C ARG C 92 -1.94 25.69 27.45
N PHE C 93 -2.87 24.79 27.15
CA PHE C 93 -2.94 23.52 27.86
C PHE C 93 -2.70 22.32 26.96
N VAL C 94 -1.43 22.01 26.70
CA VAL C 94 -1.06 20.86 25.88
C VAL C 94 -0.48 19.79 26.80
N HIS C 95 -1.09 18.62 26.79
CA HIS C 95 -0.65 17.51 27.64
C HIS C 95 -0.14 16.32 26.84
N TYR C 96 0.62 15.46 27.52
CA TYR C 96 1.14 14.25 26.91
C TYR C 96 0.40 13.12 27.63
N GLU C 97 0.40 11.93 27.04
CA GLU C 97 -0.28 10.80 27.66
C GLU C 97 0.45 9.50 27.34
N VAL C 98 1.16 8.98 28.34
CA VAL C 98 1.88 7.72 28.16
C VAL C 98 0.85 6.62 28.17
N GLU C 99 0.82 5.80 27.12
CA GLU C 99 -0.14 4.73 27.03
C GLU C 99 0.41 3.47 26.39
N LEU C 100 -0.13 2.33 26.81
CA LEU C 100 0.25 1.04 26.25
C LEU C 100 -0.50 0.85 24.94
N ALA C 101 0.24 0.72 23.84
CA ALA C 101 -0.38 0.52 22.54
C ALA C 101 -0.37 -0.97 22.19
N VAL C 102 -1.54 -1.50 21.81
CA VAL C 102 -1.68 -2.91 21.45
C VAL C 102 -1.78 -3.05 19.93
N VAL C 103 -0.95 -3.91 19.36
CA VAL C 103 -0.92 -4.13 17.91
C VAL C 103 -1.58 -5.46 17.54
N VAL C 104 -2.62 -5.39 16.71
CA VAL C 104 -3.34 -6.59 16.28
C VAL C 104 -2.50 -7.44 15.32
N GLY C 105 -2.59 -8.76 15.47
CA GLY C 105 -1.82 -9.65 14.64
C GLY C 105 -2.62 -10.50 13.66
N ARG C 106 -3.88 -10.74 13.97
CA ARG C 106 -4.73 -11.52 13.09
C ARG C 106 -6.10 -10.88 13.04
N PRO C 107 -6.81 -11.03 11.91
CA PRO C 107 -8.14 -10.43 11.77
C PRO C 107 -9.04 -10.80 12.94
N MET C 108 -9.68 -9.78 13.52
CA MET C 108 -10.57 -10.00 14.66
C MET C 108 -11.98 -9.53 14.37
N LYS C 109 -12.95 -10.43 14.58
CA LYS C 109 -14.37 -10.11 14.41
C LYS C 109 -15.16 -11.01 15.35
N ARG C 110 -15.86 -10.39 16.30
CA ARG C 110 -16.65 -11.13 17.28
C ARG C 110 -15.75 -12.12 18.04
N VAL C 111 -14.64 -11.62 18.57
CA VAL C 111 -13.72 -12.46 19.32
C VAL C 111 -14.00 -12.28 20.82
N ARG C 112 -14.08 -13.39 21.54
CA ARG C 112 -14.34 -13.37 22.97
C ARG C 112 -13.13 -12.85 23.73
N ALA C 113 -13.37 -12.15 24.83
CA ALA C 113 -12.30 -11.58 25.63
C ALA C 113 -11.25 -12.62 26.00
N LYS C 114 -11.70 -13.85 26.30
CA LYS C 114 -10.79 -14.92 26.68
C LYS C 114 -9.86 -15.35 25.55
N ASP C 115 -10.20 -15.01 24.32
CA ASP C 115 -9.37 -15.38 23.17
C ASP C 115 -8.68 -14.16 22.57
N ALA C 116 -9.13 -12.98 22.96
CA ALA C 116 -8.60 -11.72 22.45
C ALA C 116 -7.08 -11.65 22.38
N LEU C 117 -6.38 -12.07 23.43
CA LEU C 117 -4.92 -12.01 23.43
C LEU C 117 -4.26 -12.91 22.41
N ASP C 118 -4.96 -13.96 21.98
CA ASP C 118 -4.41 -14.89 20.99
C ASP C 118 -4.31 -14.24 19.62
N TYR C 119 -4.82 -13.01 19.50
CA TYR C 119 -4.81 -12.29 18.23
C TYR C 119 -3.85 -11.10 18.21
N VAL C 120 -3.21 -10.84 19.35
CA VAL C 120 -2.28 -9.72 19.47
C VAL C 120 -0.91 -10.05 18.89
N LEU C 121 -0.35 -9.12 18.13
CA LEU C 121 0.97 -9.32 17.54
C LEU C 121 2.01 -8.96 18.59
N GLY C 122 1.88 -7.78 19.17
CA GLY C 122 2.82 -7.32 20.19
C GLY C 122 2.39 -5.98 20.73
N TYR C 123 3.30 -5.31 21.44
CA TYR C 123 3.00 -4.02 22.03
C TYR C 123 4.07 -2.98 21.78
N THR C 124 3.71 -1.72 22.04
CA THR C 124 4.65 -0.61 21.87
C THR C 124 4.20 0.53 22.77
N ILE C 125 4.92 1.64 22.71
CA ILE C 125 4.61 2.81 23.53
C ILE C 125 4.01 3.92 22.68
N ALA C 126 2.96 4.55 23.21
CA ALA C 126 2.30 5.64 22.51
C ALA C 126 2.21 6.89 23.37
N ASN C 127 2.35 8.05 22.74
CA ASN C 127 2.23 9.31 23.46
C ASN C 127 0.99 9.98 22.87
N ASP C 128 -0.17 9.68 23.44
CA ASP C 128 -1.45 10.23 22.99
C ASP C 128 -1.66 11.66 23.47
N LEU C 129 -0.98 12.61 22.81
CA LEU C 129 -1.08 14.02 23.16
C LEU C 129 -2.47 14.62 22.97
N VAL C 130 -2.73 15.71 23.70
CA VAL C 130 -4.02 16.38 23.62
C VAL C 130 -3.91 17.86 23.97
N ALA C 131 -4.60 18.69 23.20
CA ALA C 131 -4.61 20.12 23.43
C ALA C 131 -5.97 20.49 24.03
N ARG C 132 -6.04 20.51 25.35
CA ARG C 132 -7.28 20.82 26.08
C ARG C 132 -7.96 22.11 25.65
N ASP C 133 -7.19 23.09 25.24
CA ASP C 133 -7.74 24.38 24.81
C ASP C 133 -8.89 24.19 23.82
N TYR C 134 -8.78 23.15 23.00
CA TYR C 134 -9.77 22.88 21.96
C TYR C 134 -10.89 21.91 22.35
N VAL C 135 -10.94 21.56 23.64
CA VAL C 135 -11.98 20.65 24.11
C VAL C 135 -12.97 21.41 25.00
N THR C 136 -14.22 21.46 24.59
CA THR C 136 -15.25 22.14 25.39
C THR C 136 -15.78 21.14 26.41
N ASN C 137 -15.99 19.91 25.96
CA ASN C 137 -16.45 18.80 26.78
C ASN C 137 -16.38 17.52 25.96
N THR C 138 -16.90 16.41 26.48
CA THR C 138 -16.84 15.13 25.77
C THR C 138 -18.02 14.83 24.84
N PHE C 139 -18.80 15.85 24.50
CA PHE C 139 -19.96 15.65 23.62
C PHE C 139 -19.55 15.19 22.22
N ARG C 140 -18.64 15.93 21.59
CA ARG C 140 -18.18 15.60 20.24
C ARG C 140 -16.79 14.96 20.26
N PRO C 141 -16.45 14.18 19.21
CA PRO C 141 -15.12 13.55 19.20
C PRO C 141 -13.99 14.59 19.24
N PRO C 142 -12.94 14.32 20.04
CA PRO C 142 -11.78 15.20 20.20
C PRO C 142 -10.78 15.08 19.05
N ILE C 143 -11.23 15.39 17.85
CA ILE C 143 -10.38 15.29 16.68
C ILE C 143 -9.43 16.48 16.51
N ARG C 144 -9.93 17.69 16.67
CA ARG C 144 -9.07 18.87 16.53
C ARG C 144 -8.09 18.98 17.70
N ALA C 145 -8.51 18.45 18.85
CA ALA C 145 -7.68 18.51 20.05
C ALA C 145 -6.66 17.38 20.15
N LYS C 146 -6.96 16.23 19.54
CA LYS C 146 -6.06 15.08 19.61
C LYS C 146 -5.56 14.47 18.29
N GLY C 147 -6.24 14.78 17.18
CA GLY C 147 -5.82 14.22 15.91
C GLY C 147 -4.97 15.17 15.08
N ARG C 148 -4.22 16.03 15.76
CA ARG C 148 -3.36 16.98 15.08
C ARG C 148 -2.11 16.27 14.57
N ASP C 149 -1.46 16.86 13.57
CA ASP C 149 -0.23 16.29 13.04
C ASP C 149 0.79 16.19 14.17
N THR C 150 1.56 15.12 14.16
CA THR C 150 2.61 14.83 15.14
C THR C 150 2.11 14.55 16.55
N PHE C 151 0.80 14.46 16.74
CA PHE C 151 0.29 14.22 18.09
C PHE C 151 0.22 12.76 18.53
N LEU C 152 0.95 11.88 17.87
CA LEU C 152 0.94 10.48 18.31
C LEU C 152 2.28 9.76 18.15
N PRO C 153 3.29 10.16 18.94
CA PRO C 153 4.57 9.48 18.82
C PRO C 153 4.27 7.99 19.10
N LEU C 154 4.89 7.09 18.36
CA LEU C 154 4.64 5.67 18.56
C LEU C 154 5.93 4.85 18.37
N GLY C 155 6.23 4.00 19.35
CA GLY C 155 7.44 3.19 19.26
C GLY C 155 8.21 3.13 20.56
N PRO C 156 9.54 2.93 20.51
CA PRO C 156 10.31 2.74 19.28
C PRO C 156 10.21 1.34 18.71
N PHE C 157 9.75 0.38 19.52
CA PHE C 157 9.68 -1.00 19.05
C PHE C 157 8.32 -1.67 19.01
N LEU C 158 8.27 -2.75 18.24
CA LEU C 158 7.08 -3.60 18.14
C LEU C 158 7.57 -4.83 18.89
N VAL C 159 7.29 -4.88 20.19
CA VAL C 159 7.73 -5.97 21.04
C VAL C 159 6.85 -7.20 20.89
N VAL C 160 7.44 -8.25 20.34
CA VAL C 160 6.72 -9.49 20.08
C VAL C 160 7.19 -10.66 20.94
N GLU C 161 6.22 -11.32 21.58
CA GLU C 161 6.48 -12.47 22.44
C GLU C 161 7.39 -12.21 23.63
N GLU C 162 7.22 -11.06 24.28
CA GLU C 162 8.03 -10.75 25.44
C GLU C 162 7.18 -10.34 26.64
N VAL C 163 6.04 -9.71 26.39
CA VAL C 163 5.14 -9.30 27.45
C VAL C 163 4.30 -10.52 27.86
N GLU C 164 4.32 -10.85 29.16
CA GLU C 164 3.55 -11.99 29.65
C GLU C 164 2.11 -11.58 29.94
N ASP C 165 1.94 -10.38 30.48
CA ASP C 165 0.63 -9.85 30.80
C ASP C 165 0.58 -8.34 30.58
N PRO C 166 -0.32 -7.87 29.70
CA PRO C 166 -0.44 -6.44 29.42
C PRO C 166 -1.05 -5.66 30.57
N GLN C 167 -1.71 -6.38 31.48
CA GLN C 167 -2.36 -5.75 32.63
C GLN C 167 -1.41 -5.59 33.81
N ASP C 168 -0.16 -5.97 33.60
CA ASP C 168 0.84 -5.88 34.67
C ASP C 168 2.14 -5.27 34.14
N LEU C 169 2.12 -3.96 33.93
CA LEU C 169 3.28 -3.23 33.43
C LEU C 169 3.33 -1.82 34.00
N TRP C 170 4.50 -1.40 34.46
CA TRP C 170 4.62 -0.05 34.99
C TRP C 170 4.70 0.95 33.85
N LEU C 171 4.30 2.19 34.14
CA LEU C 171 4.30 3.25 33.15
C LEU C 171 5.00 4.46 33.77
N ARG C 172 5.92 5.06 33.03
CA ARG C 172 6.63 6.22 33.52
C ARG C 172 6.79 7.24 32.41
N ALA C 173 6.94 8.50 32.80
CA ALA C 173 7.10 9.57 31.84
C ALA C 173 8.03 10.62 32.44
N TYR C 174 8.93 11.14 31.62
CA TYR C 174 9.88 12.16 32.09
C TYR C 174 9.84 13.38 31.17
N VAL C 175 10.08 14.54 31.76
CA VAL C 175 10.12 15.77 31.00
C VAL C 175 11.45 16.44 31.30
N ASN C 176 12.31 16.52 30.29
CA ASN C 176 13.63 17.12 30.45
C ASN C 176 14.42 16.31 31.48
N GLY C 177 14.16 15.00 31.52
CA GLY C 177 14.87 14.14 32.44
C GLY C 177 14.20 13.97 33.79
N GLU C 178 13.41 14.95 34.19
CA GLU C 178 12.71 14.93 35.47
C GLU C 178 11.46 14.05 35.41
N LEU C 179 11.46 12.98 36.18
CA LEU C 179 10.32 12.06 36.22
C LEU C 179 9.08 12.82 36.67
N ARG C 180 8.22 13.18 35.72
CA ARG C 180 7.00 13.92 36.02
C ARG C 180 5.75 13.06 36.11
N GLN C 181 5.92 11.74 36.08
CA GLN C 181 4.77 10.85 36.15
C GLN C 181 5.14 9.38 36.37
N GLU C 182 4.18 8.62 36.88
CA GLU C 182 4.39 7.20 37.17
C GLU C 182 3.04 6.49 37.29
N GLY C 183 3.02 5.19 37.05
CA GLY C 183 1.78 4.45 37.15
C GLY C 183 1.91 2.98 36.75
N HIS C 184 0.79 2.26 36.78
CA HIS C 184 0.78 0.84 36.44
C HIS C 184 -0.46 0.56 35.59
N THR C 185 -0.37 -0.41 34.68
CA THR C 185 -1.50 -0.75 33.80
C THR C 185 -2.54 -1.64 34.45
N SER C 186 -2.22 -2.18 35.62
CA SER C 186 -3.16 -3.07 36.32
C SER C 186 -4.40 -2.29 36.75
N ARG C 187 -4.27 -0.98 36.82
CA ARG C 187 -5.35 -0.09 37.22
C ARG C 187 -6.18 0.36 36.01
N MET C 188 -6.21 -0.50 34.99
CA MET C 188 -6.96 -0.22 33.77
C MET C 188 -8.42 -0.67 33.92
N LEU C 189 -9.34 0.29 33.88
CA LEU C 189 -10.77 0.01 34.03
C LEU C 189 -11.24 -1.11 33.10
N TYR C 190 -10.97 -0.94 31.80
CA TYR C 190 -11.31 -1.96 30.81
C TYR C 190 -9.99 -2.52 30.33
N SER C 191 -9.83 -3.84 30.43
CA SER C 191 -8.59 -4.49 30.01
C SER C 191 -8.45 -4.53 28.50
N VAL C 192 -7.27 -4.91 28.04
CA VAL C 192 -7.01 -5.02 26.60
C VAL C 192 -7.92 -6.08 26.01
N ALA C 193 -8.03 -7.23 26.69
CA ALA C 193 -8.87 -8.31 26.22
C ALA C 193 -10.34 -7.91 26.15
N GLU C 194 -10.77 -7.01 27.04
CA GLU C 194 -12.16 -6.56 27.07
C GLU C 194 -12.38 -5.52 25.97
N LEU C 195 -11.39 -4.66 25.77
CA LEU C 195 -11.49 -3.62 24.75
C LEU C 195 -11.55 -4.26 23.37
N LEU C 196 -10.70 -5.26 23.14
CA LEU C 196 -10.68 -5.93 21.84
C LEU C 196 -12.01 -6.65 21.60
N GLU C 197 -12.57 -7.22 22.66
CA GLU C 197 -13.83 -7.92 22.56
C GLU C 197 -14.96 -6.96 22.21
N PHE C 198 -15.00 -5.83 22.92
CA PHE C 198 -16.04 -4.82 22.69
C PHE C 198 -15.96 -4.25 21.28
N ILE C 199 -14.74 -3.92 20.85
CA ILE C 199 -14.52 -3.35 19.53
C ILE C 199 -14.76 -4.33 18.39
N SER C 200 -14.14 -5.51 18.48
CA SER C 200 -14.27 -6.52 17.43
C SER C 200 -15.68 -7.08 17.26
N GLU C 201 -16.58 -6.76 18.17
CA GLU C 201 -17.93 -7.28 18.05
C GLU C 201 -18.66 -6.60 16.88
N PHE C 202 -18.34 -5.33 16.64
CA PHE C 202 -18.99 -4.59 15.56
C PHE C 202 -18.05 -4.12 14.46
N MET C 203 -16.75 -4.18 14.72
CA MET C 203 -15.76 -3.72 13.75
C MET C 203 -14.59 -4.68 13.60
N THR C 204 -14.34 -5.11 12.37
CA THR C 204 -13.24 -6.04 12.11
C THR C 204 -11.88 -5.36 12.29
N LEU C 205 -11.06 -5.92 13.17
CA LEU C 205 -9.73 -5.38 13.39
C LEU C 205 -8.78 -6.19 12.53
N GLU C 206 -7.93 -5.49 11.78
CA GLU C 206 -6.99 -6.16 10.88
C GLU C 206 -5.56 -6.10 11.41
N PRO C 207 -4.69 -6.99 10.92
CA PRO C 207 -3.30 -6.98 11.36
C PRO C 207 -2.73 -5.57 11.24
N TYR C 208 -2.00 -5.17 12.27
CA TYR C 208 -1.36 -3.87 12.36
C TYR C 208 -2.26 -2.71 12.77
N ASP C 209 -3.52 -3.01 13.08
CA ASP C 209 -4.41 -1.97 13.58
C ASP C 209 -3.91 -1.78 15.01
N VAL C 210 -4.08 -0.59 15.57
CA VAL C 210 -3.59 -0.31 16.91
C VAL C 210 -4.64 0.20 17.89
N LEU C 211 -4.58 -0.31 19.11
CA LEU C 211 -5.49 0.09 20.18
C LEU C 211 -4.72 0.81 21.29
N LEU C 212 -5.10 2.04 21.58
CA LEU C 212 -4.47 2.81 22.64
C LEU C 212 -5.33 2.53 23.87
N THR C 213 -4.69 2.15 24.98
CA THR C 213 -5.43 1.80 26.20
C THR C 213 -5.65 2.87 27.26
N GLY C 214 -5.29 4.11 26.97
CA GLY C 214 -5.49 5.17 27.94
C GLY C 214 -4.31 5.43 28.85
N THR C 215 -4.41 6.48 29.67
CA THR C 215 -3.32 6.82 30.58
C THR C 215 -3.86 7.35 31.91
N PRO C 216 -3.15 7.11 33.01
CA PRO C 216 -3.60 7.60 34.32
C PRO C 216 -3.36 9.11 34.41
N LYS C 217 -4.18 9.79 35.18
CA LYS C 217 -4.06 11.23 35.35
C LYS C 217 -2.78 11.57 36.10
N GLY C 218 -2.23 12.75 35.83
CA GLY C 218 -1.00 13.18 36.49
C GLY C 218 -0.43 14.44 35.86
N ILE C 219 0.74 14.87 36.32
CA ILE C 219 1.37 16.07 35.77
C ILE C 219 1.72 15.71 34.33
N SER C 220 1.11 16.40 33.37
CA SER C 220 1.38 16.10 31.97
C SER C 220 1.44 17.31 31.04
N GLN C 221 1.34 18.51 31.60
CA GLN C 221 1.39 19.69 30.76
C GLN C 221 2.82 19.94 30.27
N VAL C 222 2.96 20.12 28.96
CA VAL C 222 4.27 20.37 28.37
C VAL C 222 4.28 21.72 27.67
N ARG C 223 5.47 22.23 27.43
CA ARG C 223 5.63 23.52 26.75
C ARG C 223 6.69 23.43 25.67
N PRO C 224 6.76 24.42 24.79
CA PRO C 224 7.77 24.41 23.71
C PRO C 224 9.18 24.31 24.30
N GLY C 225 9.96 23.36 23.79
CA GLY C 225 11.31 23.19 24.29
C GLY C 225 11.47 21.98 25.19
N ASP C 226 10.36 21.45 25.69
CA ASP C 226 10.43 20.29 26.56
C ASP C 226 10.74 19.03 25.76
N VAL C 227 11.36 18.08 26.43
CA VAL C 227 11.72 16.80 25.83
C VAL C 227 11.01 15.75 26.66
N MET C 228 10.03 15.08 26.06
CA MET C 228 9.26 14.06 26.75
C MET C 228 9.85 12.69 26.51
N ARG C 229 9.96 11.90 27.56
CA ARG C 229 10.49 10.55 27.45
C ARG C 229 9.52 9.62 28.15
N LEU C 230 8.85 8.78 27.39
CA LEU C 230 7.90 7.84 27.94
C LEU C 230 8.49 6.45 27.98
N GLU C 231 8.23 5.73 29.06
CA GLU C 231 8.75 4.39 29.21
C GLU C 231 7.68 3.45 29.76
N ILE C 232 7.72 2.21 29.31
CA ILE C 232 6.79 1.19 29.76
C ILE C 232 7.60 -0.08 29.98
N GLU C 233 7.29 -0.78 31.05
CA GLU C 233 7.99 -2.01 31.41
C GLU C 233 8.25 -2.91 30.20
N GLY C 234 9.54 -3.18 29.95
CA GLY C 234 9.93 -4.05 28.85
C GLY C 234 9.69 -3.61 27.41
N LEU C 235 9.36 -2.33 27.21
CA LEU C 235 9.10 -1.83 25.87
C LEU C 235 10.04 -0.71 25.47
N GLY C 236 11.07 -0.48 26.27
CA GLY C 236 12.02 0.57 25.96
C GLY C 236 11.52 1.95 26.32
N ALA C 237 12.09 2.97 25.68
CA ALA C 237 11.71 4.35 25.94
C ALA C 237 11.47 5.13 24.66
N LEU C 238 10.34 5.83 24.62
CA LEU C 238 9.96 6.66 23.48
C LEU C 238 10.25 8.10 23.86
N GLU C 239 11.13 8.76 23.11
CA GLU C 239 11.49 10.14 23.43
C GLU C 239 11.20 11.13 22.32
N ASN C 240 10.56 12.24 22.68
CA ASN C 240 10.23 13.28 21.72
C ASN C 240 10.29 14.70 22.25
N PRO C 241 11.01 15.58 21.55
CA PRO C 241 11.15 16.99 21.93
C PRO C 241 9.95 17.74 21.36
N ILE C 242 9.71 18.96 21.83
CA ILE C 242 8.58 19.76 21.37
C ILE C 242 9.00 21.14 20.90
N GLU C 243 8.29 21.66 19.90
CA GLU C 243 8.60 22.99 19.35
C GLU C 243 7.33 23.65 18.84
N GLU C 244 7.33 24.99 18.82
CA GLU C 244 6.18 25.74 18.33
C GLU C 244 6.06 25.54 16.82
N GLU C 245 4.84 25.62 16.31
CA GLU C 245 4.59 25.42 14.88
C GLU C 245 5.23 26.52 14.04
N MET D 1 -15.25 12.68 -16.40
CA MET D 1 -15.11 11.19 -16.36
C MET D 1 -15.68 10.56 -15.12
N LYS D 2 -16.35 9.44 -15.28
CA LYS D 2 -16.90 8.70 -14.15
C LYS D 2 -16.03 7.46 -14.01
N LEU D 3 -14.95 7.59 -13.24
CA LEU D 3 -14.02 6.48 -13.03
C LEU D 3 -14.66 5.41 -12.17
N ALA D 4 -14.38 4.15 -12.49
CA ALA D 4 -14.94 3.03 -11.75
C ALA D 4 -13.96 1.85 -11.70
N ARG D 5 -14.10 1.01 -10.68
CA ARG D 5 -13.27 -0.19 -10.53
C ARG D 5 -14.20 -1.39 -10.44
N PHE D 6 -13.85 -2.46 -11.14
CA PHE D 6 -14.68 -3.66 -11.15
C PHE D 6 -13.87 -4.91 -11.38
N LEU D 7 -14.44 -6.04 -10.96
CA LEU D 7 -13.79 -7.33 -11.10
C LEU D 7 -14.49 -8.13 -12.18
N ALA D 8 -13.73 -8.61 -13.16
CA ALA D 8 -14.31 -9.40 -14.24
C ALA D 8 -13.35 -10.49 -14.70
N LYS D 9 -13.82 -11.73 -14.68
CA LYS D 9 -13.03 -12.88 -15.10
C LYS D 9 -11.71 -13.00 -14.36
N GLY D 10 -11.72 -12.62 -13.08
CA GLY D 10 -10.53 -12.72 -12.26
C GLY D 10 -9.63 -11.50 -12.28
N ARG D 11 -9.96 -10.51 -13.10
CA ARG D 11 -9.12 -9.31 -13.19
C ARG D 11 -9.76 -8.07 -12.61
N VAL D 12 -8.98 -7.29 -11.87
CA VAL D 12 -9.49 -6.03 -11.32
C VAL D 12 -9.16 -4.99 -12.37
N HIS D 13 -10.18 -4.27 -12.81
CA HIS D 13 -10.01 -3.23 -13.82
C HIS D 13 -10.27 -1.84 -13.25
N GLN D 14 -9.45 -0.90 -13.66
CA GLN D 14 -9.61 0.50 -13.28
C GLN D 14 -10.07 1.09 -14.61
N GLY D 15 -11.36 1.38 -14.73
CA GLY D 15 -11.86 1.91 -15.99
C GLY D 15 -12.77 3.13 -15.87
N VAL D 16 -13.72 3.22 -16.79
CA VAL D 16 -14.64 4.35 -16.81
C VAL D 16 -16.04 3.90 -17.22
N TYR D 17 -17.05 4.60 -16.70
CA TYR D 17 -18.45 4.29 -17.00
C TYR D 17 -18.92 5.29 -18.05
N ARG D 18 -19.45 4.77 -19.15
CA ARG D 18 -19.92 5.65 -20.21
C ARG D 18 -21.18 5.11 -20.88
N GLU D 19 -22.23 5.93 -20.86
CA GLU D 19 -23.48 5.55 -21.51
C GLU D 19 -24.02 4.18 -21.10
N GLY D 20 -23.87 3.82 -19.84
CA GLY D 20 -24.38 2.54 -19.37
C GLY D 20 -23.42 1.37 -19.37
N LEU D 21 -22.26 1.53 -20.00
CA LEU D 21 -21.30 0.43 -20.04
C LEU D 21 -20.02 0.82 -19.30
N LEU D 22 -19.26 -0.21 -18.94
CA LEU D 22 -17.98 -0.04 -18.24
C LEU D 22 -16.85 -0.36 -19.23
N LEU D 23 -15.93 0.58 -19.40
CA LEU D 23 -14.81 0.36 -20.31
C LEU D 23 -13.56 0.14 -19.48
N ASP D 24 -12.78 -0.90 -19.79
CA ASP D 24 -11.55 -1.16 -19.02
C ASP D 24 -10.39 -0.33 -19.55
N GLU D 25 -9.20 -0.60 -19.02
CA GLU D 25 -8.00 0.12 -19.42
C GLU D 25 -7.75 0.13 -20.93
N ALA D 26 -8.07 -0.98 -21.59
CA ALA D 26 -7.85 -1.09 -23.04
C ALA D 26 -9.04 -0.61 -23.87
N GLY D 27 -10.08 -0.12 -23.20
CA GLY D 27 -11.25 0.35 -23.92
C GLY D 27 -12.28 -0.72 -24.23
N GLU D 28 -12.07 -1.95 -23.75
CA GLU D 28 -13.03 -3.02 -24.01
C GLU D 28 -14.24 -2.82 -23.09
N ALA D 29 -15.43 -3.06 -23.64
CA ALA D 29 -16.68 -2.86 -22.90
C ALA D 29 -17.17 -4.04 -22.08
N HIS D 30 -17.73 -3.73 -20.92
CA HIS D 30 -18.27 -4.73 -20.00
C HIS D 30 -19.65 -4.29 -19.54
N ARG D 31 -20.57 -5.25 -19.41
CA ARG D 31 -21.90 -4.91 -18.92
C ARG D 31 -21.86 -4.97 -17.39
N PRO D 32 -22.40 -3.94 -16.72
CA PRO D 32 -22.41 -3.92 -15.26
C PRO D 32 -22.91 -5.23 -14.64
N GLU D 33 -23.93 -5.83 -15.25
CA GLU D 33 -24.50 -7.07 -14.75
C GLU D 33 -23.57 -8.27 -14.85
N ASP D 34 -22.50 -8.17 -15.64
CA ASP D 34 -21.57 -9.29 -15.78
C ASP D 34 -20.33 -9.15 -14.90
N VAL D 35 -20.20 -8.04 -14.20
CA VAL D 35 -19.03 -7.84 -13.36
C VAL D 35 -19.39 -7.60 -11.91
N THR D 36 -18.35 -7.50 -11.08
CA THR D 36 -18.56 -7.24 -9.67
C THR D 36 -18.01 -5.86 -9.38
N TRP D 37 -18.88 -4.94 -8.97
CA TRP D 37 -18.47 -3.59 -8.66
C TRP D 37 -17.56 -3.55 -7.44
N LEU D 38 -16.58 -2.65 -7.46
CA LEU D 38 -15.66 -2.48 -6.34
C LEU D 38 -15.70 -1.00 -5.99
N LEU D 39 -14.96 -0.60 -4.95
CA LEU D 39 -14.91 0.80 -4.60
C LEU D 39 -14.17 1.46 -5.77
N PRO D 40 -14.57 2.67 -6.18
CA PRO D 40 -13.93 3.38 -7.29
C PRO D 40 -12.47 3.76 -7.05
N PHE D 41 -12.04 3.65 -5.80
CA PHE D 41 -10.66 3.95 -5.43
C PHE D 41 -10.44 3.42 -4.02
N THR D 42 -9.20 3.47 -3.54
CA THR D 42 -8.89 3.00 -2.20
C THR D 42 -8.81 4.22 -1.30
N PRO D 43 -9.82 4.42 -0.44
CA PRO D 43 -9.84 5.57 0.47
C PRO D 43 -8.75 5.57 1.53
N GLY D 44 -8.27 6.76 1.87
CA GLY D 44 -7.28 6.90 2.91
C GLY D 44 -8.13 7.07 4.17
N LYS D 45 -7.98 8.18 4.89
CA LYS D 45 -8.81 8.38 6.06
C LYS D 45 -10.14 9.02 5.64
N ILE D 46 -11.20 8.73 6.37
CA ILE D 46 -12.53 9.24 6.06
C ILE D 46 -13.14 9.97 7.25
N LEU D 47 -13.48 11.25 7.06
CA LEU D 47 -14.10 12.04 8.13
C LEU D 47 -15.50 12.46 7.71
N GLY D 48 -16.41 12.51 8.67
CA GLY D 48 -17.76 12.92 8.40
C GLY D 48 -18.08 14.17 9.21
N VAL D 49 -19.28 14.71 9.03
CA VAL D 49 -19.69 15.91 9.76
C VAL D 49 -21.14 15.77 10.19
N ALA D 50 -21.38 15.89 11.49
CA ALA D 50 -22.73 15.77 12.03
C ALA D 50 -23.41 17.14 12.00
N LEU D 51 -24.73 17.12 11.87
CA LEU D 51 -25.54 18.33 11.84
C LEU D 51 -24.98 19.39 10.90
N ASN D 52 -24.84 19.06 9.63
CA ASN D 52 -24.32 20.04 8.68
C ASN D 52 -25.34 20.49 7.65
N TYR D 53 -26.61 20.22 7.93
CA TYR D 53 -27.69 20.64 7.03
C TYR D 53 -28.78 21.37 7.80
N ALA D 54 -29.37 22.37 7.16
CA ALA D 54 -30.44 23.16 7.76
C ALA D 54 -31.78 22.46 7.57
N SER D 63 -27.81 30.01 12.23
CA SER D 63 -26.88 29.58 13.27
C SER D 63 -26.47 28.13 13.06
N ARG D 64 -25.17 27.86 13.23
CA ARG D 64 -24.62 26.52 13.05
C ARG D 64 -23.65 26.22 14.20
N PRO D 65 -23.16 24.96 14.30
CA PRO D 65 -22.23 24.63 15.37
C PRO D 65 -21.02 25.55 15.39
N GLU D 66 -20.58 25.92 16.60
CA GLU D 66 -19.43 26.79 16.77
C GLU D 66 -18.31 26.38 15.81
N GLU D 67 -18.15 25.08 15.64
CA GLU D 67 -17.15 24.53 14.73
C GLU D 67 -17.65 23.20 14.21
N PRO D 68 -17.21 22.80 13.01
CA PRO D 68 -17.63 21.52 12.42
C PRO D 68 -17.55 20.36 13.40
N ALA D 69 -18.66 19.62 13.52
CA ALA D 69 -18.72 18.47 14.40
C ALA D 69 -18.18 17.23 13.66
N LEU D 70 -16.86 17.18 13.52
CA LEU D 70 -16.20 16.08 12.82
C LEU D 70 -16.27 14.74 13.55
N PHE D 71 -16.28 13.66 12.77
CA PHE D 71 -16.26 12.31 13.32
C PHE D 71 -15.61 11.38 12.29
N TRP D 72 -15.22 10.20 12.74
CA TRP D 72 -14.53 9.23 11.90
C TRP D 72 -15.37 8.05 11.44
N LYS D 73 -15.06 7.57 10.24
CA LYS D 73 -15.69 6.39 9.66
C LYS D 73 -14.52 5.49 9.29
N PRO D 74 -14.43 4.30 9.92
CA PRO D 74 -13.35 3.35 9.66
C PRO D 74 -13.39 2.78 8.24
N ASN D 75 -12.23 2.42 7.71
CA ASN D 75 -12.18 1.88 6.36
C ASN D 75 -12.88 0.53 6.24
N THR D 76 -13.00 -0.20 7.35
CA THR D 76 -13.70 -1.50 7.32
C THR D 76 -15.22 -1.33 7.18
N SER D 77 -15.70 -0.10 7.20
CA SER D 77 -17.13 0.14 7.03
C SER D 77 -17.43 0.23 5.53
N LEU D 78 -16.40 0.51 4.74
CA LEU D 78 -16.53 0.66 3.29
C LEU D 78 -17.17 -0.55 2.59
N LEU D 79 -18.08 -0.25 1.68
CA LEU D 79 -18.78 -1.28 0.92
C LEU D 79 -19.02 -0.72 -0.49
N PRO D 80 -18.77 -1.53 -1.52
CA PRO D 80 -18.98 -1.06 -2.89
C PRO D 80 -20.43 -1.10 -3.33
N HIS D 81 -20.68 -0.47 -4.46
CA HIS D 81 -21.98 -0.45 -5.08
C HIS D 81 -22.42 -1.91 -5.23
N LYS D 82 -23.68 -2.19 -4.92
CA LYS D 82 -24.26 -3.54 -5.00
C LYS D 82 -23.90 -4.47 -3.85
N GLY D 83 -22.96 -4.05 -3.02
CA GLY D 83 -22.57 -4.87 -1.88
C GLY D 83 -23.72 -4.93 -0.87
N VAL D 84 -23.73 -5.98 -0.04
CA VAL D 84 -24.78 -6.14 0.95
C VAL D 84 -24.45 -5.50 2.29
N VAL D 85 -25.36 -4.63 2.75
CA VAL D 85 -25.19 -3.98 4.04
C VAL D 85 -25.71 -4.94 5.10
N LEU D 86 -24.93 -5.13 6.15
CA LEU D 86 -25.30 -6.04 7.22
C LEU D 86 -26.04 -5.31 8.34
N TYR D 87 -27.29 -5.70 8.56
CA TYR D 87 -28.12 -5.10 9.60
C TYR D 87 -27.74 -5.68 10.96
N PRO D 88 -27.34 -4.82 11.91
CA PRO D 88 -26.94 -5.27 13.25
C PRO D 88 -28.02 -6.09 13.93
N LYS D 89 -27.67 -7.29 14.35
CA LYS D 89 -28.60 -8.19 15.02
C LYS D 89 -29.27 -7.53 16.23
N GLY D 90 -30.60 -7.52 16.22
CA GLY D 90 -31.34 -6.95 17.33
C GLY D 90 -31.55 -5.45 17.30
N ALA D 91 -30.95 -4.77 16.33
CA ALA D 91 -31.09 -3.32 16.23
C ALA D 91 -32.49 -2.98 15.76
N ARG D 92 -33.01 -1.83 16.19
CA ARG D 92 -34.35 -1.43 15.80
C ARG D 92 -34.38 -0.11 15.04
N PHE D 93 -33.31 0.68 15.12
CA PHE D 93 -33.31 1.98 14.44
C PHE D 93 -32.09 2.25 13.58
N VAL D 94 -32.05 1.63 12.40
CA VAL D 94 -30.96 1.82 11.45
C VAL D 94 -31.41 2.80 10.37
N HIS D 95 -30.59 3.81 10.12
CA HIS D 95 -30.91 4.84 9.13
C HIS D 95 -29.82 5.03 8.08
N TYR D 96 -30.24 5.30 6.85
CA TYR D 96 -29.30 5.56 5.76
C TYR D 96 -29.08 7.06 5.82
N GLU D 97 -28.02 7.54 5.16
CA GLU D 97 -27.73 8.96 5.11
C GLU D 97 -27.06 9.25 3.78
N VAL D 98 -27.78 9.92 2.88
CA VAL D 98 -27.24 10.24 1.56
C VAL D 98 -26.38 11.50 1.65
N GLU D 99 -25.08 11.33 1.42
CA GLU D 99 -24.17 12.46 1.51
C GLU D 99 -23.21 12.57 0.33
N LEU D 100 -22.84 13.80 0.00
CA LEU D 100 -21.89 14.05 -1.06
C LEU D 100 -20.52 13.77 -0.43
N ALA D 101 -19.75 12.88 -1.06
CA ALA D 101 -18.43 12.55 -0.53
C ALA D 101 -17.38 13.26 -1.38
N VAL D 102 -16.44 13.93 -0.72
CA VAL D 102 -15.39 14.68 -1.40
C VAL D 102 -14.05 13.97 -1.29
N VAL D 103 -13.45 13.69 -2.44
CA VAL D 103 -12.18 12.98 -2.50
C VAL D 103 -11.02 13.95 -2.74
N VAL D 104 -10.09 13.98 -1.79
CA VAL D 104 -8.93 14.85 -1.88
C VAL D 104 -7.98 14.39 -2.99
N GLY D 105 -7.44 15.35 -3.74
CA GLY D 105 -6.54 15.04 -4.83
C GLY D 105 -5.09 15.45 -4.61
N ARG D 106 -4.86 16.44 -3.76
CA ARG D 106 -3.51 16.92 -3.45
C ARG D 106 -3.36 17.13 -1.96
N PRO D 107 -2.14 16.97 -1.42
CA PRO D 107 -1.92 17.16 0.03
C PRO D 107 -2.42 18.52 0.50
N MET D 108 -3.17 18.52 1.60
CA MET D 108 -3.70 19.76 2.14
C MET D 108 -3.31 20.01 3.59
N LYS D 109 -2.74 21.19 3.83
CA LYS D 109 -2.35 21.62 5.17
C LYS D 109 -2.44 23.14 5.18
N ARG D 110 -3.28 23.67 6.07
CA ARG D 110 -3.49 25.11 6.19
C ARG D 110 -3.89 25.76 4.86
N VAL D 111 -4.87 25.14 4.19
CA VAL D 111 -5.37 25.67 2.92
C VAL D 111 -6.54 26.61 3.19
N ARG D 112 -6.53 27.79 2.59
CA ARG D 112 -7.62 28.74 2.77
C ARG D 112 -8.88 28.24 2.08
N ALA D 113 -10.05 28.62 2.60
CA ALA D 113 -11.31 28.19 2.01
C ALA D 113 -11.42 28.54 0.53
N LYS D 114 -10.97 29.74 0.16
CA LYS D 114 -11.05 30.18 -1.23
C LYS D 114 -10.22 29.32 -2.18
N ASP D 115 -9.26 28.55 -1.64
CA ASP D 115 -8.42 27.70 -2.48
C ASP D 115 -8.72 26.21 -2.32
N ALA D 116 -9.44 25.86 -1.25
CA ALA D 116 -9.77 24.47 -0.94
C ALA D 116 -10.21 23.57 -2.11
N LEU D 117 -11.20 24.00 -2.88
CA LEU D 117 -11.69 23.16 -3.98
C LEU D 117 -10.63 22.83 -5.03
N ASP D 118 -9.57 23.64 -5.08
CA ASP D 118 -8.50 23.39 -6.04
C ASP D 118 -7.72 22.12 -5.69
N TYR D 119 -7.97 21.58 -4.50
CA TYR D 119 -7.28 20.39 -4.03
C TYR D 119 -8.17 19.15 -4.07
N VAL D 120 -9.39 19.31 -4.58
CA VAL D 120 -10.32 18.19 -4.67
C VAL D 120 -10.15 17.42 -5.97
N LEU D 121 -10.03 16.10 -5.86
CA LEU D 121 -9.88 15.25 -7.03
C LEU D 121 -11.23 15.08 -7.73
N GLY D 122 -12.21 14.61 -6.98
CA GLY D 122 -13.53 14.41 -7.53
C GLY D 122 -14.55 14.14 -6.44
N TYR D 123 -15.72 13.67 -6.85
CA TYR D 123 -16.81 13.40 -5.93
C TYR D 123 -17.45 12.04 -6.15
N THR D 124 -18.12 11.53 -5.12
CA THR D 124 -18.83 10.27 -5.22
C THR D 124 -19.99 10.30 -4.23
N ILE D 125 -20.74 9.20 -4.17
CA ILE D 125 -21.88 9.13 -3.27
C ILE D 125 -21.51 8.22 -2.11
N ALA D 126 -22.03 8.57 -0.94
CA ALA D 126 -21.79 7.79 0.27
C ALA D 126 -23.10 7.59 1.02
N ASN D 127 -23.23 6.44 1.68
CA ASN D 127 -24.40 6.14 2.47
C ASN D 127 -23.85 6.05 3.89
N ASP D 128 -23.82 7.19 4.58
CA ASP D 128 -23.28 7.25 5.95
C ASP D 128 -24.25 6.65 6.95
N LEU D 129 -24.39 5.34 6.90
CA LEU D 129 -25.29 4.62 7.78
C LEU D 129 -25.03 4.78 9.27
N VAL D 130 -26.09 4.65 10.06
CA VAL D 130 -25.98 4.77 11.50
C VAL D 130 -27.00 3.86 12.17
N ALA D 131 -26.57 3.22 13.25
CA ALA D 131 -27.45 2.35 14.04
C ALA D 131 -27.73 3.21 15.27
N ARG D 132 -28.82 3.97 15.23
CA ARG D 132 -29.15 4.87 16.33
C ARG D 132 -29.33 4.25 17.71
N ASP D 133 -29.52 2.93 17.76
CA ASP D 133 -29.68 2.25 19.04
C ASP D 133 -28.42 2.51 19.86
N TYR D 134 -27.28 2.53 19.17
CA TYR D 134 -25.97 2.73 19.79
C TYR D 134 -25.51 4.17 19.96
N VAL D 135 -26.33 5.14 19.56
CA VAL D 135 -25.94 6.54 19.68
C VAL D 135 -25.93 6.99 21.15
N THR D 136 -24.95 7.82 21.50
CA THR D 136 -24.83 8.34 22.86
C THR D 136 -24.44 9.82 22.79
N ASN D 137 -24.11 10.40 23.94
CA ASN D 137 -23.71 11.81 23.99
C ASN D 137 -22.22 11.95 24.32
N THR D 138 -21.46 10.88 24.09
CA THR D 138 -20.03 10.88 24.33
C THR D 138 -19.36 10.67 22.97
N PHE D 139 -18.67 11.70 22.48
CA PHE D 139 -18.01 11.64 21.17
C PHE D 139 -19.04 11.26 20.12
N ARG D 140 -20.17 11.95 20.15
CA ARG D 140 -21.29 11.70 19.23
C ARG D 140 -21.08 12.23 17.82
N PRO D 141 -21.42 11.42 16.80
CA PRO D 141 -21.98 10.06 16.92
C PRO D 141 -20.86 9.05 17.22
N PRO D 142 -21.08 8.18 18.21
CA PRO D 142 -20.07 7.18 18.59
C PRO D 142 -19.65 6.22 17.50
N ILE D 143 -18.42 5.75 17.60
CA ILE D 143 -17.86 4.81 16.63
C ILE D 143 -18.70 3.54 16.53
N ARG D 144 -19.19 3.04 17.66
CA ARG D 144 -20.00 1.83 17.65
C ARG D 144 -21.31 1.97 16.87
N ALA D 145 -21.76 3.21 16.69
CA ALA D 145 -23.00 3.46 15.96
C ALA D 145 -22.77 3.74 14.47
N LYS D 146 -21.64 4.38 14.15
CA LYS D 146 -21.32 4.75 12.78
C LYS D 146 -20.26 3.90 12.09
N GLY D 147 -19.37 3.28 12.86
CA GLY D 147 -18.30 2.50 12.26
C GLY D 147 -18.40 0.99 12.21
N ARG D 148 -19.61 0.46 12.07
CA ARG D 148 -19.78 -0.99 11.99
C ARG D 148 -19.43 -1.43 10.58
N ASP D 149 -19.09 -2.70 10.41
CA ASP D 149 -18.73 -3.19 9.08
C ASP D 149 -19.87 -2.97 8.10
N THR D 150 -19.53 -2.60 6.87
CA THR D 150 -20.47 -2.34 5.77
C THR D 150 -21.32 -1.07 5.91
N PHE D 151 -21.08 -0.29 6.96
CA PHE D 151 -21.87 0.93 7.15
C PHE D 151 -21.45 2.12 6.30
N LEU D 152 -20.70 1.87 5.23
CA LEU D 152 -20.31 2.96 4.38
C LEU D 152 -20.26 2.61 2.91
N PRO D 153 -21.43 2.37 2.31
CA PRO D 153 -21.41 2.06 0.88
C PRO D 153 -20.80 3.30 0.26
N LEU D 154 -19.97 3.14 -0.76
CA LEU D 154 -19.33 4.29 -1.38
C LEU D 154 -19.15 4.05 -2.88
N GLY D 155 -19.59 5.02 -3.68
CA GLY D 155 -19.45 4.89 -5.13
C GLY D 155 -20.71 5.28 -5.88
N PRO D 156 -20.94 4.69 -7.07
CA PRO D 156 -20.10 3.68 -7.72
C PRO D 156 -18.92 4.33 -8.43
N PHE D 157 -18.96 5.65 -8.59
CA PHE D 157 -17.92 6.33 -9.34
C PHE D 157 -17.13 7.42 -8.62
N LEU D 158 -15.96 7.70 -9.18
CA LEU D 158 -15.10 8.78 -8.72
C LEU D 158 -15.30 9.73 -9.89
N VAL D 159 -16.20 10.70 -9.72
CA VAL D 159 -16.51 11.64 -10.78
C VAL D 159 -15.56 12.82 -10.76
N VAL D 160 -14.73 12.93 -11.79
CA VAL D 160 -13.76 14.01 -11.87
C VAL D 160 -14.01 14.94 -13.06
N GLU D 161 -13.75 16.22 -12.85
CA GLU D 161 -13.93 17.21 -13.90
C GLU D 161 -15.35 17.32 -14.43
N GLU D 162 -16.34 17.02 -13.59
CA GLU D 162 -17.73 17.11 -14.02
C GLU D 162 -18.61 17.97 -13.12
N VAL D 163 -18.37 17.92 -11.81
CA VAL D 163 -19.16 18.72 -10.88
C VAL D 163 -18.75 20.19 -10.91
N GLU D 164 -19.68 21.04 -11.33
CA GLU D 164 -19.43 22.49 -11.43
C GLU D 164 -19.32 23.15 -10.06
N ASP D 165 -20.34 22.95 -9.24
CA ASP D 165 -20.40 23.54 -7.90
C ASP D 165 -20.89 22.47 -6.93
N PRO D 166 -20.07 22.09 -5.95
CA PRO D 166 -20.49 21.08 -4.98
C PRO D 166 -21.64 21.55 -4.10
N GLN D 167 -21.84 22.86 -4.06
CA GLN D 167 -22.91 23.45 -3.26
C GLN D 167 -24.20 23.62 -4.07
N ASP D 168 -24.22 23.05 -5.27
CA ASP D 168 -25.40 23.15 -6.12
C ASP D 168 -25.76 21.79 -6.74
N LEU D 169 -26.03 20.82 -5.88
CA LEU D 169 -26.37 19.47 -6.33
C LEU D 169 -27.57 18.93 -5.56
N TRP D 170 -28.50 18.29 -6.26
CA TRP D 170 -29.64 17.71 -5.57
C TRP D 170 -29.24 16.35 -5.00
N LEU D 171 -29.96 15.94 -3.96
CA LEU D 171 -29.72 14.67 -3.29
C LEU D 171 -31.05 13.93 -3.23
N ARG D 172 -31.03 12.64 -3.52
CA ARG D 172 -32.24 11.83 -3.46
C ARG D 172 -31.92 10.46 -2.91
N ALA D 173 -32.88 9.88 -2.20
CA ALA D 173 -32.71 8.56 -1.62
C ALA D 173 -33.97 7.74 -1.89
N TYR D 174 -33.79 6.54 -2.41
CA TYR D 174 -34.91 5.66 -2.69
C TYR D 174 -34.75 4.41 -1.83
N VAL D 175 -35.88 3.86 -1.42
CA VAL D 175 -35.89 2.63 -0.64
C VAL D 175 -36.92 1.77 -1.35
N ASN D 176 -36.46 0.65 -1.89
CA ASN D 176 -37.32 -0.27 -2.64
C ASN D 176 -37.93 0.43 -3.84
N GLY D 177 -37.13 1.25 -4.51
CA GLY D 177 -37.59 1.96 -5.69
C GLY D 177 -38.45 3.19 -5.45
N GLU D 178 -38.81 3.45 -4.20
CA GLU D 178 -39.65 4.61 -3.90
C GLU D 178 -38.88 5.75 -3.25
N LEU D 179 -39.06 6.95 -3.78
CA LEU D 179 -38.38 8.14 -3.28
C LEU D 179 -38.77 8.41 -1.84
N ARG D 180 -37.79 8.38 -0.95
CA ARG D 180 -38.03 8.63 0.47
C ARG D 180 -37.64 10.04 0.88
N GLN D 181 -36.68 10.61 0.17
CA GLN D 181 -36.19 11.93 0.52
C GLN D 181 -35.51 12.71 -0.60
N GLU D 182 -35.62 14.03 -0.50
CA GLU D 182 -35.01 14.94 -1.47
C GLU D 182 -34.28 16.03 -0.70
N GLY D 183 -33.04 16.31 -1.12
CA GLY D 183 -32.26 17.34 -0.47
C GLY D 183 -31.48 18.13 -1.50
N HIS D 184 -30.65 19.05 -1.03
CA HIS D 184 -29.83 19.86 -1.92
C HIS D 184 -28.63 20.38 -1.14
N THR D 185 -27.44 20.19 -1.68
CA THR D 185 -26.21 20.61 -1.02
C THR D 185 -26.07 22.11 -0.82
N SER D 186 -26.99 22.89 -1.39
CA SER D 186 -26.92 24.34 -1.20
C SER D 186 -27.34 24.63 0.23
N ARG D 187 -27.96 23.64 0.87
CA ARG D 187 -28.43 23.79 2.24
C ARG D 187 -27.43 23.31 3.28
N MET D 188 -26.16 23.22 2.86
CA MET D 188 -25.08 22.80 3.76
C MET D 188 -24.76 23.95 4.71
N LEU D 189 -24.56 23.64 5.99
CA LEU D 189 -24.24 24.68 6.97
C LEU D 189 -22.79 25.11 6.75
N TYR D 190 -21.87 24.15 6.76
CA TYR D 190 -20.46 24.43 6.49
C TYR D 190 -20.23 23.89 5.07
N SER D 191 -19.73 24.74 4.18
CA SER D 191 -19.48 24.29 2.80
C SER D 191 -18.25 23.40 2.71
N VAL D 192 -18.13 22.69 1.59
CA VAL D 192 -16.99 21.82 1.38
C VAL D 192 -15.68 22.60 1.59
N ALA D 193 -15.62 23.80 1.02
CA ALA D 193 -14.44 24.64 1.14
C ALA D 193 -14.13 24.98 2.60
N GLU D 194 -15.17 25.32 3.36
CA GLU D 194 -15.00 25.66 4.77
C GLU D 194 -14.58 24.44 5.58
N LEU D 195 -15.13 23.28 5.25
CA LEU D 195 -14.79 22.06 5.97
C LEU D 195 -13.32 21.68 5.74
N LEU D 196 -12.88 21.74 4.49
CA LEU D 196 -11.50 21.41 4.17
C LEU D 196 -10.53 22.40 4.81
N GLU D 197 -10.92 23.68 4.86
CA GLU D 197 -10.08 24.69 5.47
C GLU D 197 -9.95 24.41 6.95
N PHE D 198 -11.09 24.06 7.57
CA PHE D 198 -11.14 23.77 9.00
C PHE D 198 -10.32 22.54 9.38
N ILE D 199 -10.46 21.46 8.62
CA ILE D 199 -9.74 20.23 8.89
C ILE D 199 -8.25 20.34 8.56
N SER D 200 -7.93 20.83 7.36
CA SER D 200 -6.53 20.93 6.96
C SER D 200 -5.72 21.91 7.81
N GLU D 201 -6.40 22.72 8.60
CA GLU D 201 -5.70 23.68 9.46
C GLU D 201 -4.86 22.98 10.51
N PHE D 202 -5.29 21.79 10.93
CA PHE D 202 -4.56 21.05 11.94
C PHE D 202 -4.27 19.60 11.56
N MET D 203 -4.85 19.13 10.46
CA MET D 203 -4.65 17.75 10.02
C MET D 203 -4.33 17.71 8.53
N THR D 204 -3.21 17.08 8.19
CA THR D 204 -2.83 16.98 6.79
C THR D 204 -3.75 15.99 6.08
N LEU D 205 -4.34 16.43 4.97
CA LEU D 205 -5.21 15.55 4.20
C LEU D 205 -4.41 15.11 2.99
N GLU D 206 -4.37 13.80 2.79
CA GLU D 206 -3.61 13.23 1.68
C GLU D 206 -4.50 12.79 0.52
N PRO D 207 -3.92 12.68 -0.70
CA PRO D 207 -4.73 12.26 -1.84
C PRO D 207 -5.51 10.99 -1.51
N TYR D 208 -6.78 10.97 -1.89
CA TYR D 208 -7.71 9.86 -1.66
C TYR D 208 -8.31 9.80 -0.25
N ASP D 209 -8.05 10.84 0.56
CA ASP D 209 -8.69 10.88 1.87
C ASP D 209 -10.09 11.33 1.49
N VAL D 210 -11.09 11.00 2.31
CA VAL D 210 -12.46 11.36 1.97
C VAL D 210 -13.18 12.16 3.04
N LEU D 211 -13.99 13.11 2.59
CA LEU D 211 -14.77 13.95 3.50
C LEU D 211 -16.25 13.72 3.21
N LEU D 212 -16.99 13.30 4.22
CA LEU D 212 -18.43 13.09 4.09
C LEU D 212 -19.03 14.41 4.59
N THR D 213 -19.81 15.08 3.74
CA THR D 213 -20.37 16.39 4.09
C THR D 213 -21.69 16.46 4.86
N GLY D 214 -22.19 15.32 5.33
CA GLY D 214 -23.44 15.35 6.08
C GLY D 214 -24.68 15.12 5.24
N THR D 215 -25.84 15.17 5.88
CA THR D 215 -27.10 14.94 5.19
C THR D 215 -28.26 15.61 5.91
N PRO D 216 -29.28 16.03 5.17
CA PRO D 216 -30.43 16.67 5.82
C PRO D 216 -31.29 15.57 6.44
N LYS D 217 -31.93 15.85 7.58
CA LYS D 217 -32.77 14.85 8.23
C LYS D 217 -33.99 14.51 7.39
N GLY D 218 -34.42 13.25 7.46
CA GLY D 218 -35.58 12.81 6.69
C GLY D 218 -36.13 11.48 7.18
N ILE D 219 -36.99 10.89 6.36
CA ILE D 219 -37.58 9.59 6.68
C ILE D 219 -36.56 8.57 6.19
N SER D 220 -35.52 8.38 6.99
CA SER D 220 -34.41 7.52 6.62
C SER D 220 -34.29 6.12 7.25
N GLN D 221 -35.30 5.66 7.96
CA GLN D 221 -35.18 4.33 8.57
C GLN D 221 -35.25 3.21 7.55
N VAL D 222 -34.43 2.17 7.74
CA VAL D 222 -34.39 1.02 6.85
C VAL D 222 -34.41 -0.27 7.65
N ARG D 223 -34.85 -1.35 7.01
CA ARG D 223 -34.96 -2.65 7.66
C ARG D 223 -34.42 -3.75 6.74
N PRO D 224 -34.13 -4.93 7.30
CA PRO D 224 -33.63 -6.04 6.50
C PRO D 224 -34.52 -6.24 5.28
N GLY D 225 -33.92 -6.61 4.16
CA GLY D 225 -34.71 -6.83 2.95
C GLY D 225 -34.85 -5.59 2.08
N ASP D 226 -34.66 -4.41 2.66
CA ASP D 226 -34.79 -3.18 1.90
C ASP D 226 -33.61 -2.97 0.97
N VAL D 227 -33.87 -2.33 -0.17
CA VAL D 227 -32.81 -2.04 -1.14
C VAL D 227 -32.73 -0.51 -1.18
N MET D 228 -31.58 0.01 -0.78
CA MET D 228 -31.36 1.46 -0.75
C MET D 228 -30.68 1.94 -2.04
N ARG D 229 -31.23 2.98 -2.66
CA ARG D 229 -30.61 3.53 -3.85
C ARG D 229 -30.51 5.03 -3.65
N LEU D 230 -29.28 5.52 -3.49
CA LEU D 230 -29.03 6.93 -3.28
C LEU D 230 -28.49 7.56 -4.56
N GLU D 231 -29.00 8.74 -4.88
CA GLU D 231 -28.58 9.43 -6.08
C GLU D 231 -28.22 10.88 -5.80
N ILE D 232 -27.22 11.38 -6.52
CA ILE D 232 -26.78 12.75 -6.38
C ILE D 232 -26.59 13.27 -7.79
N GLU D 233 -27.01 14.52 -8.02
CA GLU D 233 -26.91 15.14 -9.33
C GLU D 233 -25.57 14.87 -10.03
N GLY D 234 -25.64 14.16 -11.14
CA GLY D 234 -24.46 13.85 -11.93
C GLY D 234 -23.48 12.82 -11.40
N LEU D 235 -23.79 12.19 -10.27
CA LEU D 235 -22.90 11.20 -9.70
C LEU D 235 -23.38 9.76 -9.80
N GLY D 236 -24.48 9.56 -10.52
CA GLY D 236 -25.01 8.21 -10.70
C GLY D 236 -25.86 7.73 -9.54
N ALA D 237 -25.94 6.40 -9.37
CA ALA D 237 -26.74 5.83 -8.30
C ALA D 237 -26.01 4.73 -7.55
N LEU D 238 -26.04 4.83 -6.22
CA LEU D 238 -25.39 3.85 -5.34
C LEU D 238 -26.51 2.99 -4.76
N GLU D 239 -26.49 1.70 -5.09
CA GLU D 239 -27.53 0.80 -4.61
C GLU D 239 -27.02 -0.35 -3.74
N ASN D 240 -27.65 -0.52 -2.57
CA ASN D 240 -27.26 -1.59 -1.67
C ASN D 240 -28.42 -2.24 -0.94
N PRO D 241 -28.51 -3.57 -0.99
CA PRO D 241 -29.58 -4.31 -0.31
C PRO D 241 -29.12 -4.53 1.14
N ILE D 242 -30.06 -4.79 2.04
CA ILE D 242 -29.70 -5.01 3.43
C ILE D 242 -30.07 -6.42 3.86
N GLU D 243 -29.13 -7.12 4.48
CA GLU D 243 -29.36 -8.47 4.97
C GLU D 243 -29.04 -8.49 6.46
N GLU D 244 -29.59 -9.47 7.16
CA GLU D 244 -29.33 -9.58 8.60
C GLU D 244 -28.01 -10.31 8.78
N GLU D 245 -27.24 -9.91 9.78
CA GLU D 245 -25.95 -10.57 10.04
C GLU D 245 -26.20 -12.07 10.16
N PRO D 246 -25.23 -12.90 9.72
CA PRO D 246 -25.37 -14.35 9.78
C PRO D 246 -25.63 -14.88 11.20
NA NA E . 20.54 1.18 -18.21
C1 GOL F . 4.47 17.06 -19.09
O1 GOL F . 5.88 17.13 -19.17
C2 GOL F . 4.03 15.94 -18.15
O2 GOL F . 4.57 16.17 -16.84
C3 GOL F . 2.50 15.87 -18.07
O3 GOL F . 1.95 17.09 -17.58
C1 GOL G . 19.08 20.21 -6.99
O1 GOL G . 18.84 19.58 -8.23
C2 GOL G . 19.34 19.17 -5.90
O2 GOL G . 20.45 18.34 -6.25
C3 GOL G . 19.62 19.89 -4.57
O3 GOL G . 19.87 18.95 -3.53
C1 GOL H . -11.18 -25.17 -4.96
O1 GOL H . -12.02 -24.93 -6.08
C2 GOL H . -10.17 -26.29 -5.26
O2 GOL H . -9.38 -25.96 -6.39
C3 GOL H . -9.28 -26.50 -4.04
O3 GOL H . -8.32 -27.52 -4.29
C1 GOL I . 6.35 -24.72 6.52
O1 GOL I . 5.91 -25.45 5.39
C2 GOL I . 6.23 -23.22 6.27
O2 GOL I . 4.87 -22.88 5.99
C3 GOL I . 6.72 -22.45 7.50
O3 GOL I . 5.94 -22.76 8.65
C1 GOL J . 15.80 2.23 23.77
O1 GOL J . 14.55 1.90 24.34
C2 GOL J . 15.69 3.46 22.88
O2 GOL J . 15.20 4.58 23.63
C3 GOL J . 17.06 3.79 22.29
O3 GOL J . 17.01 4.95 21.46
S SO4 K . -25.98 13.83 15.59
O1 SO4 K . -26.98 12.85 16.04
O2 SO4 K . -25.49 14.62 16.74
O3 SO4 K . -26.61 14.74 14.61
O4 SO4 K . -24.84 13.13 14.96
C1 GOL L . -25.41 3.79 -12.61
O1 GOL L . -25.25 4.96 -11.84
C2 GOL L . -25.11 2.54 -11.77
O2 GOL L . -25.96 2.52 -10.62
C3 GOL L . -25.31 1.28 -12.60
O3 GOL L . -25.04 0.12 -11.84
#